data_9B49
#
_entry.id   9B49
#
_cell.length_a   173.670
_cell.length_b   173.670
_cell.length_c   172.070
_cell.angle_alpha   90.000
_cell.angle_beta   90.000
_cell.angle_gamma   120.000
#
_symmetry.space_group_name_H-M   'H 3'
#
loop_
_entity.id
_entity.type
_entity.pdbx_description
1 polymer 'Phosphate transporter'
2 non-polymer 'PHOSPHATE ION'
3 non-polymer 'nonyl beta-D-glucopyranoside'
#
_entity_poly.entity_id   1
_entity_poly.type   'polypeptide(L)'
_entity_poly.pdbx_seq_one_letter_code
;GPMLADLDHFGKNYKHDEEAQRNQKPWMLTWPQIKLVLLAGVGFFLDAYDLFIINQVAPMLAQVYFPKTGLPAQRQDLMK
AAANIGCVVGQVMFGVLGDSFGRKFVYGKELILIIVATIFQMSAPSHWDGNRVLTWITICRVFLGIGIGGDYPMSATVVS
DRANIHRRGTLLCFIFANQGWGSFVGSLVTIVTISGFKHRLKSGHTHDVDKAWRILIGLSLIPAFGTLYQRLTLPESRKF
ELTRDAASSSTVAIDKKDHDATHEVKDAPESEKSSPKVTPADAIDDDRHGVIASKKAHWQEFVAYFSTWNHFRNLLGSML
GWFLVDIAFYGINLNQSVVLAQIGFAGKTGDVYDKLFQLATGNIIVTALGFLPGYYFTLFLIDIVGRKKLQFMGFIMSGL
FLAILAGEIDHIGKGPLLACFTFMQFFFNFGANTTTFIVAAELFPTRIRASAHGISAAAGQCGAILSSLVFNQLKAKIGT
SAVLWIFFSTCILGFISTFLIDETMGVDPDEKDLEERRARGEIPGGLVPR
;
_entity_poly.pdbx_strand_id   A,B
#
loop_
_chem_comp.id
_chem_comp.type
_chem_comp.name
_chem_comp.formula
BNG D-saccharide 'nonyl beta-D-glucopyranoside' 'C15 H30 O6'
PO4 non-polymer 'PHOSPHATE ION' 'O4 P -3'
#
# COMPACT_ATOMS: atom_id res chain seq x y z
N PRO A 32 -7.00 -30.76 -9.18
CA PRO A 32 -7.52 -31.51 -8.03
C PRO A 32 -7.42 -30.71 -6.73
N GLN A 33 -7.78 -31.35 -5.62
CA GLN A 33 -7.69 -30.71 -4.31
C GLN A 33 -6.25 -30.47 -3.88
N ILE A 34 -5.30 -31.16 -4.51
CA ILE A 34 -3.90 -31.11 -4.08
C ILE A 34 -3.32 -29.71 -4.29
N LYS A 35 -3.56 -29.12 -5.46
CA LYS A 35 -2.92 -27.86 -5.82
C LYS A 35 -3.23 -26.73 -4.84
N LEU A 36 -4.31 -26.83 -4.08
CA LEU A 36 -4.67 -25.77 -3.15
C LEU A 36 -3.82 -25.80 -1.88
N VAL A 37 -3.57 -26.99 -1.33
CA VAL A 37 -2.83 -27.08 -0.07
C VAL A 37 -1.36 -26.72 -0.28
N LEU A 38 -0.80 -27.03 -1.45
CA LEU A 38 0.55 -26.58 -1.77
C LEU A 38 0.61 -25.06 -1.78
N LEU A 39 -0.42 -24.41 -2.31
CA LEU A 39 -0.44 -22.94 -2.33
C LEU A 39 -0.48 -22.38 -0.91
N ALA A 40 -1.22 -23.06 -0.02
CA ALA A 40 -1.17 -22.69 1.39
C ALA A 40 0.20 -22.99 2.00
N GLY A 41 0.79 -24.12 1.60
CA GLY A 41 2.12 -24.45 2.10
C GLY A 41 3.15 -23.41 1.73
N VAL A 42 3.20 -23.03 0.45
CA VAL A 42 4.13 -21.99 0.02
C VAL A 42 3.78 -20.66 0.68
N GLY A 43 2.51 -20.46 1.00
CA GLY A 43 2.14 -19.31 1.81
C GLY A 43 2.75 -19.39 3.20
N PHE A 44 2.64 -20.56 3.83
CA PHE A 44 3.28 -20.76 5.13
C PHE A 44 4.79 -20.66 5.01
N PHE A 45 5.37 -21.27 3.98
CA PHE A 45 6.81 -21.19 3.76
C PHE A 45 7.28 -19.74 3.67
N LEU A 46 6.60 -18.95 2.84
CA LEU A 46 7.00 -17.55 2.66
C LEU A 46 6.84 -16.77 3.96
N ASP A 47 5.73 -16.99 4.67
CA ASP A 47 5.55 -16.36 5.97
C ASP A 47 6.68 -16.78 6.92
N ALA A 48 6.96 -18.08 6.96
CA ALA A 48 8.01 -18.58 7.84
C ALA A 48 9.37 -18.06 7.43
N TYR A 49 9.68 -18.07 6.14
CA TYR A 49 10.93 -17.50 5.66
C TYR A 49 11.03 -16.03 6.08
N ASP A 50 9.98 -15.26 5.82
CA ASP A 50 10.02 -13.84 6.11
C ASP A 50 10.10 -13.58 7.61
N LEU A 51 9.44 -14.43 8.40
CA LEU A 51 9.45 -14.26 9.85
C LEU A 51 10.86 -14.45 10.42
N PHE A 52 11.45 -15.61 10.13
CA PHE A 52 12.69 -16.01 10.80
C PHE A 52 13.94 -15.43 10.16
N ILE A 53 13.87 -14.98 8.89
CA ILE A 53 15.04 -14.44 8.20
C ILE A 53 15.62 -13.22 8.92
N ILE A 54 14.83 -12.57 9.78
CA ILE A 54 15.36 -11.47 10.57
C ILE A 54 16.46 -11.95 11.50
N ASN A 55 16.43 -13.23 11.87
CA ASN A 55 17.49 -13.78 12.72
C ASN A 55 18.82 -13.81 11.98
N GLN A 56 18.80 -14.06 10.66
CA GLN A 56 20.03 -14.09 9.88
C GLN A 56 20.47 -12.70 9.45
N VAL A 57 19.54 -11.77 9.32
CA VAL A 57 19.88 -10.44 8.81
C VAL A 57 20.47 -9.55 9.89
N ALA A 58 20.01 -9.72 11.14
CA ALA A 58 20.43 -8.83 12.23
C ALA A 58 21.94 -8.75 12.42
N PRO A 59 22.71 -9.85 12.43
CA PRO A 59 24.16 -9.70 12.63
C PRO A 59 24.87 -8.91 11.55
N MET A 60 24.34 -8.92 10.32
CA MET A 60 24.99 -8.17 9.24
C MET A 60 24.80 -6.67 9.42
N LEU A 61 23.61 -6.24 9.86
CA LEU A 61 23.39 -4.83 10.14
C LEU A 61 24.35 -4.33 11.21
N ALA A 62 24.69 -5.18 12.18
CA ALA A 62 25.65 -4.79 13.21
C ALA A 62 27.01 -4.48 12.60
N GLN A 63 27.52 -5.37 11.75
CA GLN A 63 28.85 -5.17 11.19
C GLN A 63 28.93 -3.89 10.35
N VAL A 64 27.84 -3.47 9.74
CA VAL A 64 27.86 -2.30 8.88
C VAL A 64 27.72 -1.02 9.69
N TYR A 65 26.63 -0.89 10.43
CA TYR A 65 26.25 0.37 11.05
C TYR A 65 26.66 0.50 12.51
N PHE A 66 27.02 -0.61 13.17
CA PHE A 66 27.48 -0.59 14.56
C PHE A 66 28.65 -1.56 14.72
N PRO A 67 29.77 -1.31 14.03
CA PRO A 67 30.86 -2.28 14.06
C PRO A 67 31.54 -2.40 15.42
N LYS A 68 31.57 -1.33 16.21
CA LYS A 68 32.30 -1.37 17.48
C LYS A 68 31.43 -1.83 18.64
N THR A 69 30.15 -1.47 18.65
CA THR A 69 29.23 -1.83 19.72
C THR A 69 28.07 -2.62 19.14
N GLY A 70 27.40 -3.38 20.00
CA GLY A 70 26.28 -4.17 19.56
C GLY A 70 25.06 -3.32 19.26
N LEU A 71 24.06 -3.97 18.66
CA LEU A 71 22.80 -3.29 18.38
C LEU A 71 22.14 -2.91 19.71
N PRO A 72 21.67 -1.68 19.87
CA PRO A 72 20.97 -1.31 21.11
C PRO A 72 19.85 -2.30 21.41
N ALA A 73 19.73 -2.64 22.70
CA ALA A 73 18.83 -3.71 23.11
C ALA A 73 17.38 -3.38 22.77
N GLN A 74 16.93 -2.18 23.13
CA GLN A 74 15.54 -1.82 22.91
C GLN A 74 15.22 -1.76 21.42
N ARG A 75 16.16 -1.27 20.60
CA ARG A 75 15.90 -1.14 19.17
C ARG A 75 15.89 -2.50 18.49
N GLN A 76 16.77 -3.41 18.91
CA GLN A 76 16.79 -4.75 18.32
C GLN A 76 15.52 -5.53 18.65
N ASP A 77 15.02 -5.39 19.89
CA ASP A 77 13.79 -6.07 20.27
C ASP A 77 12.61 -5.60 19.42
N LEU A 78 12.49 -4.28 19.23
CA LEU A 78 11.40 -3.75 18.43
C LEU A 78 11.44 -4.27 17.00
N MET A 79 12.65 -4.34 16.42
CA MET A 79 12.79 -4.78 15.03
C MET A 79 12.30 -6.21 14.85
N LYS A 80 12.64 -7.09 15.80
CA LYS A 80 12.33 -8.52 15.64
C LYS A 80 10.89 -8.81 16.00
N ALA A 81 10.33 -8.09 16.97
CA ALA A 81 8.92 -8.25 17.31
C ALA A 81 8.00 -7.62 16.27
N ALA A 82 8.53 -6.70 15.46
CA ALA A 82 7.71 -5.94 14.53
C ALA A 82 6.85 -6.85 13.65
N ALA A 83 7.45 -7.92 13.12
CA ALA A 83 6.71 -8.82 12.24
C ALA A 83 5.58 -9.52 12.98
N ASN A 84 5.82 -9.91 14.23
CA ASN A 84 4.77 -10.58 15.01
C ASN A 84 3.70 -9.59 15.46
N ILE A 85 4.08 -8.34 15.71
CA ILE A 85 3.11 -7.32 16.08
C ILE A 85 2.12 -7.09 14.94
N GLY A 86 2.65 -6.90 13.73
CA GLY A 86 1.76 -6.82 12.57
C GLY A 86 0.99 -8.10 12.33
N CYS A 87 1.53 -9.23 12.76
CA CYS A 87 0.89 -10.52 12.47
C CYS A 87 -0.48 -10.61 13.12
N VAL A 88 -0.64 -10.07 14.33
CA VAL A 88 -1.95 -10.08 14.97
C VAL A 88 -2.81 -8.94 14.39
N VAL A 89 -2.19 -7.80 14.10
CA VAL A 89 -2.92 -6.70 13.47
C VAL A 89 -3.50 -7.15 12.14
N GLY A 90 -2.76 -7.99 11.41
CA GLY A 90 -3.23 -8.44 10.12
C GLY A 90 -4.50 -9.27 10.22
N GLN A 91 -4.47 -10.32 11.04
CA GLN A 91 -5.61 -11.23 11.10
C GLN A 91 -6.84 -10.62 11.75
N VAL A 92 -6.67 -9.55 12.53
CA VAL A 92 -7.85 -8.83 13.04
C VAL A 92 -8.36 -7.85 11.99
N MET A 93 -7.47 -7.12 11.32
CA MET A 93 -7.89 -6.20 10.28
C MET A 93 -8.41 -6.96 9.07
N PHE A 94 -7.63 -7.92 8.56
CA PHE A 94 -8.10 -8.78 7.48
C PHE A 94 -9.24 -9.69 7.92
N GLY A 95 -9.51 -9.78 9.22
CA GLY A 95 -10.68 -10.47 9.71
C GLY A 95 -11.92 -9.61 9.58
N VAL A 96 -11.80 -8.34 9.97
CA VAL A 96 -12.91 -7.39 9.82
C VAL A 96 -13.21 -7.19 8.34
N LEU A 97 -12.18 -6.91 7.54
CA LEU A 97 -12.36 -6.71 6.11
C LEU A 97 -12.81 -7.98 5.41
N GLY A 98 -12.39 -9.15 5.91
CA GLY A 98 -12.77 -10.39 5.27
C GLY A 98 -14.19 -10.80 5.63
N ASP A 99 -14.63 -10.47 6.85
CA ASP A 99 -16.01 -10.73 7.21
C ASP A 99 -16.94 -9.66 6.64
N SER A 100 -16.43 -8.43 6.46
CA SER A 100 -17.28 -7.34 5.99
C SER A 100 -17.63 -7.50 4.52
N PHE A 101 -16.63 -7.73 3.67
CA PHE A 101 -16.81 -7.74 2.22
C PHE A 101 -16.46 -9.06 1.56
N GLY A 102 -16.25 -10.13 2.32
CA GLY A 102 -16.01 -11.43 1.74
C GLY A 102 -14.54 -11.76 1.56
N ARG A 103 -14.31 -12.93 0.95
CA ARG A 103 -12.96 -13.45 0.82
C ARG A 103 -12.27 -12.91 -0.42
N LYS A 104 -13.02 -12.67 -1.49
CA LYS A 104 -12.44 -12.12 -2.71
C LYS A 104 -11.90 -10.70 -2.51
N PHE A 105 -12.03 -10.13 -1.32
CA PHE A 105 -11.55 -8.79 -1.02
C PHE A 105 -10.23 -8.80 -0.24
N VAL A 106 -9.65 -9.98 0.04
CA VAL A 106 -8.45 -10.06 0.87
C VAL A 106 -7.46 -11.08 0.32
N TYR A 107 -7.90 -11.94 -0.60
CA TYR A 107 -7.08 -13.07 -1.02
C TYR A 107 -5.77 -12.60 -1.65
N GLY A 108 -5.84 -11.64 -2.57
CA GLY A 108 -4.63 -11.17 -3.24
C GLY A 108 -3.91 -10.03 -2.53
N LYS A 109 -4.69 -9.15 -1.90
CA LYS A 109 -4.12 -7.93 -1.32
C LYS A 109 -3.18 -8.22 -0.15
N GLU A 110 -3.30 -9.38 0.50
CA GLU A 110 -2.39 -9.70 1.59
C GLU A 110 -0.97 -9.94 1.08
N LEU A 111 -0.84 -10.52 -0.11
CA LEU A 111 0.48 -10.86 -0.63
C LEU A 111 1.22 -9.63 -1.11
N ILE A 112 0.52 -8.63 -1.65
CA ILE A 112 1.18 -7.43 -2.17
C ILE A 112 1.74 -6.58 -1.03
N LEU A 113 1.13 -6.63 0.15
CA LEU A 113 1.62 -5.81 1.26
C LEU A 113 2.99 -6.27 1.73
N ILE A 114 3.19 -7.58 1.82
CA ILE A 114 4.49 -8.09 2.26
C ILE A 114 5.53 -7.92 1.16
N ILE A 115 5.10 -7.89 -0.10
CA ILE A 115 6.03 -7.65 -1.20
C ILE A 115 6.58 -6.22 -1.13
N VAL A 116 5.69 -5.24 -0.96
CA VAL A 116 6.11 -3.85 -0.87
C VAL A 116 6.96 -3.62 0.37
N ALA A 117 6.55 -4.21 1.49
CA ALA A 117 7.32 -4.06 2.72
C ALA A 117 8.72 -4.64 2.56
N THR A 118 8.85 -5.72 1.79
CA THR A 118 10.16 -6.31 1.53
C THR A 118 11.04 -5.34 0.73
N ILE A 119 10.45 -4.61 -0.22
CA ILE A 119 11.24 -3.79 -1.12
C ILE A 119 11.75 -2.54 -0.41
N PHE A 120 10.86 -1.87 0.34
CA PHE A 120 11.30 -0.71 1.12
C PHE A 120 12.34 -1.12 2.15
N GLN A 121 12.10 -2.23 2.85
CA GLN A 121 13.09 -2.79 3.77
C GLN A 121 14.40 -3.07 3.06
N MET A 122 14.33 -3.54 1.80
CA MET A 122 15.52 -3.93 1.07
C MET A 122 16.37 -2.72 0.68
N SER A 123 15.73 -1.57 0.45
CA SER A 123 16.38 -0.41 -0.14
C SER A 123 16.53 0.73 0.85
N ALA A 124 16.82 0.41 2.11
CA ALA A 124 17.18 1.43 3.07
C ALA A 124 18.39 2.19 2.55
N PRO A 125 18.35 3.53 2.52
CA PRO A 125 19.49 4.29 1.99
C PRO A 125 20.78 3.93 2.69
N SER A 126 21.74 3.44 1.90
CA SER A 126 22.99 2.92 2.46
C SER A 126 23.83 4.00 3.13
N HIS A 127 23.56 5.27 2.84
CA HIS A 127 24.30 6.38 3.42
C HIS A 127 23.69 6.88 4.72
N TRP A 128 22.70 6.18 5.26
CA TRP A 128 21.97 6.62 6.44
C TRP A 128 22.70 6.23 7.72
N ASP A 129 22.28 6.87 8.81
CA ASP A 129 22.82 6.55 10.13
C ASP A 129 22.28 5.19 10.58
N GLY A 130 23.03 4.54 11.47
CA GLY A 130 22.66 3.21 11.92
C GLY A 130 21.28 3.17 12.56
N ASN A 131 21.03 4.09 13.48
CA ASN A 131 19.72 4.14 14.14
C ASN A 131 18.61 4.42 13.13
N ARG A 132 18.88 5.27 12.14
CA ARG A 132 17.88 5.60 11.13
C ARG A 132 17.59 4.40 10.24
N VAL A 133 18.63 3.64 9.88
CA VAL A 133 18.43 2.45 9.07
C VAL A 133 17.61 1.42 9.85
N LEU A 134 17.93 1.25 11.13
CA LEU A 134 17.17 0.34 11.97
C LEU A 134 15.71 0.75 12.03
N THR A 135 15.45 2.03 12.33
CA THR A 135 14.08 2.53 12.38
C THR A 135 13.37 2.34 11.05
N TRP A 136 14.10 2.44 9.94
CA TRP A 136 13.51 2.14 8.64
C TRP A 136 13.02 0.71 8.58
N ILE A 137 13.85 -0.24 9.03
CA ILE A 137 13.55 -1.66 8.86
C ILE A 137 12.44 -2.09 9.82
N THR A 138 12.46 -1.57 11.05
CA THR A 138 11.43 -1.91 12.02
C THR A 138 10.05 -1.58 11.49
N ILE A 139 9.87 -0.37 10.96
CA ILE A 139 8.58 0.07 10.45
C ILE A 139 8.14 -0.79 9.28
N CYS A 140 9.07 -1.09 8.37
CA CYS A 140 8.75 -1.92 7.21
C CYS A 140 8.25 -3.31 7.64
N ARG A 141 8.89 -3.89 8.66
CA ARG A 141 8.51 -5.23 9.09
C ARG A 141 7.15 -5.28 9.76
N VAL A 142 6.68 -4.17 10.32
CA VAL A 142 5.34 -4.14 10.89
C VAL A 142 4.30 -4.36 9.79
N PHE A 143 4.41 -3.61 8.70
CA PHE A 143 3.54 -3.82 7.55
C PHE A 143 3.71 -5.21 6.98
N LEU A 144 4.96 -5.68 6.93
CA LEU A 144 5.24 -7.07 6.56
C LEU A 144 4.46 -8.05 7.42
N GLY A 145 4.38 -7.78 8.73
CA GLY A 145 3.59 -8.64 9.60
C GLY A 145 2.11 -8.59 9.28
N ILE A 146 1.60 -7.41 8.93
CA ILE A 146 0.17 -7.26 8.67
C ILE A 146 -0.28 -8.17 7.54
N GLY A 147 0.53 -8.29 6.50
CA GLY A 147 0.21 -9.20 5.42
C GLY A 147 0.37 -10.66 5.80
N ILE A 148 1.43 -10.98 6.55
CA ILE A 148 1.64 -12.34 7.02
C ILE A 148 0.50 -12.79 7.92
N GLY A 149 -0.13 -11.86 8.64
CA GLY A 149 -1.23 -12.20 9.51
C GLY A 149 -2.50 -12.61 8.78
N GLY A 150 -2.64 -12.25 7.52
CA GLY A 150 -3.84 -12.61 6.78
C GLY A 150 -3.96 -14.09 6.46
N ASP A 151 -3.10 -14.60 5.59
CA ASP A 151 -3.16 -16.01 5.19
C ASP A 151 -2.68 -16.97 6.28
N TYR A 152 -2.48 -16.53 7.53
CA TYR A 152 -1.88 -17.39 8.54
C TYR A 152 -2.92 -18.26 9.23
N PRO A 153 -4.01 -17.69 9.79
CA PRO A 153 -5.07 -18.58 10.28
C PRO A 153 -5.98 -19.07 9.17
N MET A 154 -5.93 -18.46 7.99
CA MET A 154 -6.81 -18.83 6.90
C MET A 154 -6.35 -20.10 6.20
N SER A 155 -5.09 -20.50 6.39
CA SER A 155 -4.57 -21.71 5.76
C SER A 155 -4.88 -22.95 6.58
N ALA A 156 -5.29 -22.78 7.83
CA ALA A 156 -5.65 -23.88 8.72
C ALA A 156 -7.09 -24.32 8.55
N THR A 157 -8.00 -23.35 8.37
CA THR A 157 -9.41 -23.65 8.28
C THR A 157 -9.77 -24.30 6.95
N VAL A 158 -9.08 -23.91 5.86
CA VAL A 158 -9.39 -24.42 4.54
C VAL A 158 -9.21 -25.93 4.45
N VAL A 159 -8.36 -26.50 5.31
CA VAL A 159 -8.05 -27.93 5.27
C VAL A 159 -8.58 -28.68 6.47
N SER A 160 -9.05 -27.99 7.51
CA SER A 160 -9.70 -28.64 8.64
C SER A 160 -11.19 -28.79 8.39
N ASP A 161 -11.80 -27.79 7.74
CA ASP A 161 -13.20 -27.89 7.34
C ASP A 161 -13.36 -28.85 6.17
N ARG A 162 -12.40 -28.84 5.23
CA ARG A 162 -12.53 -29.64 4.03
C ARG A 162 -12.34 -31.14 4.29
N ALA A 163 -11.40 -31.49 5.17
CA ALA A 163 -11.02 -32.90 5.31
C ALA A 163 -12.12 -33.70 5.97
N ASN A 164 -12.47 -33.35 7.22
CA ASN A 164 -13.42 -34.12 8.03
C ASN A 164 -13.03 -35.60 8.08
N ILE A 165 -11.74 -35.86 8.22
CA ILE A 165 -11.19 -37.22 8.17
C ILE A 165 -10.17 -37.35 9.29
N HIS A 166 -9.90 -38.60 9.68
CA HIS A 166 -8.89 -38.87 10.69
C HIS A 166 -7.52 -38.35 10.27
N ARG A 167 -7.23 -38.33 8.97
CA ARG A 167 -5.97 -37.80 8.46
C ARG A 167 -6.02 -36.29 8.24
N ARG A 168 -6.72 -35.56 9.11
CA ARG A 168 -6.72 -34.11 9.02
C ARG A 168 -5.50 -33.49 9.70
N GLY A 169 -5.00 -34.12 10.76
CA GLY A 169 -3.86 -33.55 11.47
C GLY A 169 -2.60 -33.59 10.64
N THR A 170 -2.33 -34.72 9.99
CA THR A 170 -1.16 -34.83 9.13
C THR A 170 -1.19 -33.78 8.03
N LEU A 171 -2.38 -33.39 7.58
CA LEU A 171 -2.47 -32.34 6.57
C LEU A 171 -2.10 -30.98 7.17
N LEU A 172 -2.65 -30.69 8.35
CA LEU A 172 -2.27 -29.46 9.06
C LEU A 172 -0.77 -29.43 9.34
N CYS A 173 -0.20 -30.57 9.76
CA CYS A 173 1.22 -30.62 10.08
C CYS A 173 2.09 -30.41 8.85
N PHE A 174 1.65 -30.92 7.69
CA PHE A 174 2.44 -30.76 6.47
C PHE A 174 2.56 -29.30 6.07
N ILE A 175 1.43 -28.58 6.10
CA ILE A 175 1.47 -27.14 5.81
C ILE A 175 2.28 -26.43 6.88
N PHE A 176 2.11 -26.84 8.14
CA PHE A 176 2.88 -26.24 9.21
C PHE A 176 4.36 -26.58 9.08
N ALA A 177 4.67 -27.76 8.52
CA ALA A 177 6.05 -28.17 8.34
C ALA A 177 6.84 -27.20 7.46
N ASN A 178 6.15 -26.46 6.59
CA ASN A 178 6.83 -25.45 5.79
C ASN A 178 7.49 -24.38 6.64
N GLN A 179 7.07 -24.26 7.91
CA GLN A 179 7.73 -23.30 8.80
C GLN A 179 9.18 -23.65 9.01
N GLY A 180 9.50 -24.95 9.10
CA GLY A 180 10.90 -25.35 9.21
C GLY A 180 11.68 -25.04 7.96
N TRP A 181 11.07 -25.29 6.79
CA TRP A 181 11.74 -24.97 5.54
C TRP A 181 11.99 -23.47 5.43
N GLY A 182 11.04 -22.66 5.88
CA GLY A 182 11.26 -21.22 5.90
C GLY A 182 12.47 -20.86 6.74
N SER A 183 12.58 -21.44 7.93
CA SER A 183 13.75 -21.21 8.76
C SER A 183 14.99 -21.87 8.16
N PHE A 184 14.83 -23.07 7.58
CA PHE A 184 15.96 -23.79 7.02
C PHE A 184 16.47 -23.13 5.75
N VAL A 185 15.57 -22.88 4.79
CA VAL A 185 15.96 -22.27 3.53
C VAL A 185 16.61 -20.91 3.79
N GLY A 186 16.06 -20.15 4.74
CA GLY A 186 16.70 -18.91 5.14
C GLY A 186 18.11 -19.13 5.67
N SER A 187 18.30 -20.21 6.43
CA SER A 187 19.64 -20.55 6.90
C SER A 187 20.52 -21.04 5.76
N LEU A 188 19.94 -21.83 4.85
CA LEU A 188 20.69 -22.30 3.69
C LEU A 188 21.09 -21.16 2.77
N VAL A 189 20.16 -20.23 2.52
CA VAL A 189 20.46 -19.05 1.72
C VAL A 189 21.61 -18.25 2.31
N THR A 190 21.74 -18.25 3.64
CA THR A 190 22.71 -17.39 4.30
C THR A 190 24.14 -17.87 4.07
N ILE A 191 24.38 -19.18 4.26
CA ILE A 191 25.73 -19.71 4.06
C ILE A 191 26.14 -19.59 2.60
N VAL A 192 25.19 -19.82 1.68
CA VAL A 192 25.49 -19.68 0.26
C VAL A 192 25.85 -18.24 -0.07
N THR A 193 25.10 -17.29 0.50
CA THR A 193 25.37 -15.87 0.26
C THR A 193 26.72 -15.46 0.84
N ILE A 194 26.99 -15.86 2.09
CA ILE A 194 28.23 -15.45 2.75
C ILE A 194 29.45 -15.98 2.00
N SER A 195 29.39 -17.26 1.61
CA SER A 195 30.49 -17.86 0.87
C SER A 195 30.69 -17.22 -0.49
N GLY A 196 29.66 -16.57 -1.04
CA GLY A 196 29.81 -15.89 -2.32
C GLY A 196 30.64 -14.63 -2.22
N PHE A 197 30.55 -13.91 -1.10
CA PHE A 197 31.33 -12.71 -0.87
C PHE A 197 32.70 -12.99 -0.27
N LYS A 198 33.11 -14.27 -0.22
CA LYS A 198 34.33 -14.66 0.47
C LYS A 198 35.54 -13.87 -0.01
N HIS A 199 35.90 -14.04 -1.29
CA HIS A 199 37.11 -13.41 -1.81
C HIS A 199 37.01 -11.88 -1.76
N ARG A 200 35.85 -11.32 -2.09
CA ARG A 200 35.71 -9.87 -2.07
C ARG A 200 35.90 -9.32 -0.66
N LEU A 201 35.42 -10.05 0.35
CA LEU A 201 35.61 -9.61 1.72
C LEU A 201 37.06 -9.77 2.16
N LYS A 202 37.67 -10.91 1.82
CA LYS A 202 39.07 -11.14 2.21
C LYS A 202 40.01 -10.12 1.58
N SER A 203 39.64 -9.60 0.40
CA SER A 203 40.46 -8.61 -0.29
C SER A 203 40.22 -7.18 0.22
N GLY A 204 39.45 -7.00 1.29
CA GLY A 204 39.30 -5.71 1.92
C GLY A 204 38.00 -4.97 1.66
N HIS A 205 37.11 -5.52 0.83
CA HIS A 205 35.85 -4.84 0.50
C HIS A 205 34.79 -5.20 1.54
N THR A 206 34.98 -4.66 2.75
CA THR A 206 34.16 -5.05 3.90
C THR A 206 32.73 -4.50 3.84
N HIS A 207 32.48 -3.42 3.11
CA HIS A 207 31.12 -2.87 3.10
C HIS A 207 30.14 -3.72 2.30
N ASP A 208 30.61 -4.69 1.52
CA ASP A 208 29.68 -5.48 0.71
C ASP A 208 28.72 -6.31 1.55
N VAL A 209 28.96 -6.44 2.86
CA VAL A 209 27.97 -7.05 3.73
C VAL A 209 26.68 -6.24 3.74
N ASP A 210 26.79 -4.93 3.53
CA ASP A 210 25.59 -4.10 3.39
C ASP A 210 24.77 -4.51 2.18
N LYS A 211 25.42 -5.03 1.14
CA LYS A 211 24.70 -5.58 0.01
C LYS A 211 24.08 -6.93 0.34
N ALA A 212 24.75 -7.71 1.19
CA ALA A 212 24.32 -9.08 1.46
C ALA A 212 22.99 -9.13 2.17
N TRP A 213 22.83 -8.34 3.24
CA TRP A 213 21.59 -8.41 4.03
C TRP A 213 20.38 -7.99 3.21
N ARG A 214 20.56 -7.11 2.23
CA ARG A 214 19.47 -6.79 1.31
C ARG A 214 19.13 -7.97 0.42
N ILE A 215 20.15 -8.76 0.05
CA ILE A 215 19.91 -9.95 -0.77
C ILE A 215 19.14 -11.00 0.00
N LEU A 216 19.45 -11.16 1.29
CA LEU A 216 18.77 -12.16 2.11
C LEU A 216 17.27 -11.90 2.16
N ILE A 217 16.89 -10.64 2.35
CA ILE A 217 15.48 -10.29 2.40
C ILE A 217 14.85 -10.42 1.03
N GLY A 218 15.55 -9.95 -0.01
CA GLY A 218 14.97 -9.90 -1.34
C GLY A 218 14.67 -11.26 -1.94
N LEU A 219 15.48 -12.27 -1.63
CA LEU A 219 15.32 -13.58 -2.25
C LEU A 219 13.95 -14.20 -1.95
N SER A 220 13.27 -13.73 -0.91
CA SER A 220 11.90 -14.17 -0.64
C SER A 220 10.94 -13.72 -1.74
N LEU A 221 11.32 -12.72 -2.53
CA LEU A 221 10.44 -12.21 -3.58
C LEU A 221 10.19 -13.25 -4.66
N ILE A 222 11.12 -14.19 -4.85
CA ILE A 222 11.00 -15.14 -5.95
C ILE A 222 9.78 -16.04 -5.79
N PRO A 223 9.57 -16.73 -4.66
CA PRO A 223 8.31 -17.47 -4.52
C PRO A 223 7.11 -16.55 -4.38
N ALA A 224 7.31 -15.33 -3.87
CA ALA A 224 6.20 -14.40 -3.69
C ALA A 224 5.58 -14.02 -5.02
N PHE A 225 6.41 -13.69 -6.02
CA PHE A 225 5.88 -13.34 -7.33
C PHE A 225 5.31 -14.56 -8.03
N GLY A 226 5.97 -15.72 -7.87
CA GLY A 226 5.44 -16.95 -8.45
C GLY A 226 4.07 -17.29 -7.93
N THR A 227 3.85 -17.14 -6.62
CA THR A 227 2.55 -17.43 -6.03
C THR A 227 1.50 -16.42 -6.49
N LEU A 228 1.89 -15.14 -6.60
CA LEU A 228 0.98 -14.12 -7.06
C LEU A 228 0.35 -14.50 -8.39
N TYR A 229 1.17 -14.94 -9.35
CA TYR A 229 0.65 -15.37 -10.64
C TYR A 229 -0.29 -16.58 -10.51
N GLN A 230 0.08 -17.55 -9.67
CA GLN A 230 -0.78 -18.72 -9.49
C GLN A 230 -2.05 -18.38 -8.74
N ARG A 231 -2.00 -17.45 -7.79
CA ARG A 231 -3.24 -17.00 -7.16
C ARG A 231 -4.11 -16.24 -8.16
N LEU A 232 -3.49 -15.54 -9.11
CA LEU A 232 -4.22 -14.89 -10.18
C LEU A 232 -4.67 -15.90 -11.24
N THR A 233 -3.72 -16.63 -11.82
CA THR A 233 -4.06 -17.63 -12.82
C THR A 233 -4.50 -18.92 -12.14
N GLY A 290 -27.26 -4.85 8.99
CA GLY A 290 -27.40 -5.98 9.89
C GLY A 290 -26.08 -6.62 10.28
N VAL A 291 -24.99 -5.87 10.08
CA VAL A 291 -23.67 -6.41 10.43
C VAL A 291 -23.48 -6.43 11.93
N ILE A 292 -24.06 -5.46 12.65
CA ILE A 292 -23.95 -5.46 14.11
C ILE A 292 -24.92 -6.47 14.73
N ALA A 293 -26.08 -6.68 14.10
CA ALA A 293 -27.04 -7.65 14.63
C ALA A 293 -26.54 -9.07 14.48
N SER A 294 -25.79 -9.35 13.40
CA SER A 294 -25.20 -10.68 13.24
C SER A 294 -23.94 -10.84 14.09
N LYS A 295 -23.23 -9.74 14.36
CA LYS A 295 -22.07 -9.81 15.23
C LYS A 295 -22.45 -9.92 16.70
N LYS A 296 -23.65 -9.45 17.07
CA LYS A 296 -24.19 -9.65 18.40
C LYS A 296 -24.89 -11.00 18.56
N ALA A 297 -25.35 -11.60 17.47
CA ALA A 297 -25.97 -12.91 17.56
C ALA A 297 -24.92 -14.01 17.61
N HIS A 298 -23.85 -13.90 16.82
CA HIS A 298 -22.79 -14.89 16.94
C HIS A 298 -22.00 -14.69 18.23
N TRP A 299 -21.98 -13.47 18.78
CA TRP A 299 -21.35 -13.25 20.07
C TRP A 299 -22.16 -13.89 21.18
N GLN A 300 -23.49 -13.85 21.05
CA GLN A 300 -24.35 -14.49 22.03
C GLN A 300 -24.16 -16.01 22.02
N GLU A 301 -24.03 -16.59 20.83
CA GLU A 301 -23.75 -18.02 20.73
C GLU A 301 -22.36 -18.35 21.25
N PHE A 302 -21.36 -17.53 20.89
CA PHE A 302 -20.01 -17.72 21.40
C PHE A 302 -19.99 -17.69 22.93
N VAL A 303 -20.59 -16.66 23.53
CA VAL A 303 -20.62 -16.56 24.98
C VAL A 303 -21.39 -17.74 25.58
N ALA A 304 -22.51 -18.12 24.95
CA ALA A 304 -23.28 -19.25 25.45
C ALA A 304 -22.49 -20.55 25.37
N TYR A 305 -21.75 -20.74 24.28
CA TYR A 305 -20.93 -21.94 24.12
C TYR A 305 -19.84 -22.02 25.18
N PHE A 306 -18.97 -21.02 25.22
CA PHE A 306 -17.83 -20.99 26.13
C PHE A 306 -18.17 -20.48 27.53
N SER A 307 -19.44 -20.54 27.94
CA SER A 307 -19.82 -20.35 29.34
C SER A 307 -20.04 -21.67 30.05
N THR A 308 -19.72 -22.79 29.41
CA THR A 308 -19.78 -24.10 30.01
C THR A 308 -18.38 -24.66 30.19
N TRP A 309 -18.14 -25.33 31.32
CA TRP A 309 -16.79 -25.72 31.71
C TRP A 309 -16.13 -26.59 30.64
N ASN A 310 -16.77 -27.71 30.28
CA ASN A 310 -16.17 -28.63 29.31
C ASN A 310 -15.97 -28.01 27.94
N HIS A 311 -16.62 -26.88 27.65
CA HIS A 311 -16.37 -26.10 26.44
C HIS A 311 -15.44 -24.94 26.68
N PHE A 312 -15.58 -24.26 27.82
CA PHE A 312 -14.70 -23.15 28.17
C PHE A 312 -13.25 -23.60 28.28
N ARG A 313 -13.02 -24.72 28.98
CA ARG A 313 -11.65 -25.16 29.22
C ARG A 313 -10.93 -25.53 27.93
N ASN A 314 -11.66 -25.96 26.90
CA ASN A 314 -11.01 -26.31 25.64
C ASN A 314 -10.46 -25.07 24.96
N LEU A 315 -11.20 -23.96 25.00
CA LEU A 315 -10.66 -22.69 24.51
C LEU A 315 -9.54 -22.19 25.42
N LEU A 316 -9.68 -22.42 26.73
CA LEU A 316 -8.67 -21.95 27.67
C LEU A 316 -7.32 -22.63 27.42
N GLY A 317 -7.32 -23.97 27.38
CA GLY A 317 -6.08 -24.69 27.11
C GLY A 317 -5.55 -24.43 25.72
N SER A 318 -6.44 -24.25 24.75
CA SER A 318 -6.01 -23.91 23.40
C SER A 318 -5.32 -22.55 23.38
N MET A 319 -5.85 -21.59 24.13
CA MET A 319 -5.26 -20.26 24.19
C MET A 319 -3.92 -20.28 24.92
N LEU A 320 -3.86 -20.96 26.07
CA LEU A 320 -2.63 -20.99 26.84
C LEU A 320 -1.52 -21.72 26.10
N GLY A 321 -1.80 -22.92 25.61
CA GLY A 321 -0.76 -23.71 24.96
C GLY A 321 -0.11 -22.97 23.81
N TRP A 322 -0.93 -22.32 22.97
CA TRP A 322 -0.37 -21.54 21.87
C TRP A 322 0.35 -20.30 22.40
N PHE A 323 -0.22 -19.64 23.41
CA PHE A 323 0.43 -18.49 24.03
C PHE A 323 1.77 -18.89 24.64
N LEU A 324 1.79 -20.02 25.36
CA LEU A 324 2.97 -20.38 26.14
C LEU A 324 4.10 -20.88 25.25
N VAL A 325 3.79 -21.71 24.25
CA VAL A 325 4.86 -22.26 23.41
C VAL A 325 5.51 -21.16 22.60
N ASP A 326 4.72 -20.18 22.14
CA ASP A 326 5.26 -19.14 21.27
C ASP A 326 6.20 -18.21 22.01
N ILE A 327 6.11 -18.16 23.35
CA ILE A 327 7.03 -17.34 24.13
C ILE A 327 8.46 -17.81 23.90
N ALA A 328 8.74 -19.06 24.26
CA ALA A 328 10.07 -19.62 24.04
C ALA A 328 10.35 -19.83 22.56
N PHE A 329 9.36 -20.27 21.80
CA PHE A 329 9.58 -20.62 20.40
C PHE A 329 10.09 -19.44 19.59
N TYR A 330 9.38 -18.31 19.64
CA TYR A 330 9.76 -17.14 18.86
C TYR A 330 10.85 -16.32 19.55
N GLY A 331 10.88 -16.31 20.88
CA GLY A 331 11.99 -15.68 21.57
C GLY A 331 13.33 -16.29 21.20
N ILE A 332 13.35 -17.60 20.96
CA ILE A 332 14.58 -18.29 20.61
C ILE A 332 14.84 -18.22 19.11
N ASN A 333 13.84 -18.60 18.31
CA ASN A 333 14.08 -18.73 16.87
C ASN A 333 14.36 -17.38 16.20
N LEU A 334 13.74 -16.32 16.69
CA LEU A 334 14.06 -14.97 16.24
C LEU A 334 15.37 -14.46 16.82
N ASN A 335 15.92 -15.14 17.83
CA ASN A 335 17.19 -14.78 18.44
C ASN A 335 18.16 -15.96 18.47
N GLN A 336 17.99 -16.91 17.55
CA GLN A 336 18.84 -18.10 17.52
C GLN A 336 20.31 -17.73 17.33
N SER A 337 20.60 -16.67 16.57
CA SER A 337 21.96 -16.22 16.39
C SER A 337 22.54 -15.57 17.65
N VAL A 338 21.67 -15.07 18.54
CA VAL A 338 22.16 -14.46 19.78
C VAL A 338 22.60 -15.55 20.76
N VAL A 339 21.83 -16.64 20.84
CA VAL A 339 22.17 -17.74 21.73
C VAL A 339 23.50 -18.36 21.32
N LEU A 340 23.64 -18.64 20.02
CA LEU A 340 24.87 -19.23 19.50
C LEU A 340 26.07 -18.32 19.67
N ALA A 341 25.87 -17.09 20.14
CA ALA A 341 26.99 -16.21 20.45
C ALA A 341 27.51 -16.40 21.87
N GLN A 342 26.64 -16.77 22.80
CA GLN A 342 27.10 -17.15 24.13
C GLN A 342 27.83 -18.49 24.09
N ILE A 343 27.35 -19.43 23.27
CA ILE A 343 28.05 -20.67 22.98
C ILE A 343 29.29 -20.31 22.15
N GLY A 344 30.16 -21.28 21.92
CA GLY A 344 31.47 -21.02 21.35
C GLY A 344 31.50 -20.58 19.89
N PHE A 345 30.35 -20.35 19.27
CA PHE A 345 30.32 -19.96 17.86
C PHE A 345 30.71 -18.50 17.64
N ALA A 346 30.77 -17.68 18.69
CA ALA A 346 31.26 -16.32 18.61
C ALA A 346 32.56 -16.29 19.40
N GLY A 347 33.67 -16.39 18.67
CA GLY A 347 34.95 -16.48 19.29
C GLY A 347 35.72 -15.18 19.39
N LYS A 348 37.03 -15.31 19.28
CA LYS A 348 37.98 -14.23 19.34
C LYS A 348 38.95 -14.27 18.17
N THR A 349 38.98 -15.37 17.43
CA THR A 349 39.79 -15.51 16.24
C THR A 349 39.08 -14.90 15.03
N GLY A 350 39.65 -15.11 13.85
CA GLY A 350 39.07 -14.77 12.56
C GLY A 350 38.75 -13.33 12.23
N ASP A 351 38.61 -13.08 10.93
CA ASP A 351 38.32 -11.78 10.34
C ASP A 351 36.82 -11.64 10.08
N VAL A 352 36.44 -10.68 9.23
CA VAL A 352 35.03 -10.40 8.98
C VAL A 352 34.32 -11.63 8.43
N TYR A 353 34.91 -12.27 7.42
CA TYR A 353 34.29 -13.44 6.82
C TYR A 353 34.23 -14.61 7.80
N ASP A 354 35.35 -14.88 8.49
CA ASP A 354 35.39 -15.99 9.43
C ASP A 354 34.29 -15.88 10.48
N LYS A 355 34.04 -14.67 10.99
CA LYS A 355 33.01 -14.48 12.01
C LYS A 355 31.63 -14.85 11.47
N LEU A 356 31.23 -14.24 10.36
CA LEU A 356 29.89 -14.46 9.82
C LEU A 356 29.67 -15.91 9.41
N PHE A 357 30.70 -16.57 8.88
CA PHE A 357 30.50 -17.92 8.35
C PHE A 357 30.35 -18.94 9.47
N GLN A 358 31.12 -18.80 10.55
CA GLN A 358 30.97 -19.71 11.68
C GLN A 358 29.59 -19.60 12.30
N LEU A 359 29.07 -18.37 12.43
CA LEU A 359 27.73 -18.18 12.97
C LEU A 359 26.67 -18.75 12.03
N ALA A 360 26.82 -18.54 10.73
CA ALA A 360 25.89 -19.13 9.77
C ALA A 360 26.01 -20.65 9.74
N THR A 361 27.19 -21.18 10.08
CA THR A 361 27.37 -22.62 10.17
C THR A 361 26.50 -23.22 11.27
N GLY A 362 26.49 -22.60 12.45
CA GLY A 362 25.67 -23.11 13.53
C GLY A 362 24.18 -23.01 13.23
N ASN A 363 23.76 -21.93 12.58
CA ASN A 363 22.35 -21.74 12.29
C ASN A 363 21.81 -22.84 11.39
N ILE A 364 22.56 -23.20 10.34
CA ILE A 364 22.11 -24.27 9.46
C ILE A 364 22.17 -25.61 10.17
N ILE A 365 23.16 -25.81 11.05
CA ILE A 365 23.24 -27.06 11.80
C ILE A 365 21.99 -27.25 12.64
N VAL A 366 21.62 -26.22 13.39
CA VAL A 366 20.50 -26.33 14.33
C VAL A 366 19.18 -26.52 13.57
N THR A 367 18.94 -25.69 12.56
CA THR A 367 17.67 -25.74 11.87
C THR A 367 17.54 -26.98 10.99
N ALA A 368 18.65 -27.48 10.45
CA ALA A 368 18.60 -28.70 9.66
C ALA A 368 18.56 -29.94 10.54
N LEU A 369 19.36 -29.97 11.61
CA LEU A 369 19.43 -31.15 12.45
C LEU A 369 18.29 -31.22 13.45
N GLY A 370 17.72 -30.07 13.82
CA GLY A 370 16.67 -30.07 14.83
C GLY A 370 15.38 -29.40 14.41
N PHE A 371 15.44 -28.11 14.08
CA PHE A 371 14.23 -27.33 13.85
C PHE A 371 13.38 -27.94 12.74
N LEU A 372 14.01 -28.29 11.61
CA LEU A 372 13.22 -28.79 10.49
C LEU A 372 12.67 -30.19 10.77
N PRO A 373 13.47 -31.19 11.16
CA PRO A 373 12.91 -32.54 11.33
C PRO A 373 11.84 -32.63 12.40
N GLY A 374 11.79 -31.68 13.34
CA GLY A 374 10.78 -31.74 14.38
C GLY A 374 9.37 -31.75 13.83
N TYR A 375 9.14 -31.00 12.75
CA TYR A 375 7.82 -30.98 12.13
C TYR A 375 7.44 -32.35 11.60
N TYR A 376 8.42 -33.10 11.11
CA TYR A 376 8.13 -34.35 10.42
C TYR A 376 7.95 -35.51 11.39
N PHE A 377 8.67 -35.49 12.52
CA PHE A 377 8.37 -36.43 13.59
C PHE A 377 6.94 -36.24 14.08
N THR A 378 6.52 -34.99 14.25
CA THR A 378 5.14 -34.70 14.58
C THR A 378 4.21 -35.21 13.49
N LEU A 379 4.64 -35.08 12.23
CA LEU A 379 3.82 -35.48 11.10
C LEU A 379 3.45 -36.96 11.15
N PHE A 380 4.42 -37.81 11.48
CA PHE A 380 4.24 -39.26 11.41
C PHE A 380 3.56 -39.85 12.64
N LEU A 381 3.30 -39.06 13.69
CA LEU A 381 2.86 -39.62 14.95
C LEU A 381 1.59 -39.00 15.54
N ILE A 382 1.13 -37.85 15.02
CA ILE A 382 -0.06 -37.21 15.58
C ILE A 382 -1.28 -38.10 15.43
N ASP A 383 -1.47 -38.72 14.27
CA ASP A 383 -2.58 -39.64 14.09
C ASP A 383 -2.29 -41.05 14.60
N ILE A 384 -1.23 -41.21 15.40
CA ILE A 384 -0.92 -42.47 16.07
C ILE A 384 -0.80 -42.29 17.57
N VAL A 385 -0.09 -41.23 18.00
CA VAL A 385 0.15 -41.00 19.42
C VAL A 385 -0.91 -40.09 20.03
N GLY A 386 -1.47 -39.18 19.24
CA GLY A 386 -2.40 -38.20 19.74
C GLY A 386 -1.74 -36.85 19.96
N ARG A 387 -2.58 -35.80 19.94
CA ARG A 387 -2.06 -34.45 20.05
C ARG A 387 -1.50 -34.19 21.44
N LYS A 388 -2.21 -34.64 22.46
CA LYS A 388 -1.85 -34.31 23.84
C LYS A 388 -0.51 -34.94 24.21
N LYS A 389 -0.37 -36.25 24.01
CA LYS A 389 0.87 -36.93 24.40
C LYS A 389 2.07 -36.32 23.68
N LEU A 390 1.89 -35.88 22.44
CA LEU A 390 2.96 -35.19 21.75
C LEU A 390 3.16 -33.79 22.31
N GLN A 391 2.06 -33.13 22.68
CA GLN A 391 2.15 -31.82 23.32
C GLN A 391 2.78 -31.92 24.70
N PHE A 392 2.35 -32.92 25.49
CA PHE A 392 2.98 -33.18 26.79
C PHE A 392 4.49 -33.34 26.63
N MET A 393 4.90 -34.27 25.77
CA MET A 393 6.33 -34.50 25.53
C MET A 393 7.01 -33.23 25.03
N GLY A 394 6.39 -32.55 24.07
CA GLY A 394 7.02 -31.37 23.50
C GLY A 394 7.31 -30.30 24.54
N PHE A 395 6.31 -29.99 25.38
CA PHE A 395 6.50 -29.01 26.44
C PHE A 395 7.55 -29.47 27.45
N ILE A 396 7.45 -30.73 27.87
CA ILE A 396 8.26 -31.21 28.99
C ILE A 396 9.70 -31.49 28.56
N MET A 397 9.93 -31.90 27.31
CA MET A 397 11.29 -32.23 26.87
C MET A 397 12.10 -30.97 26.59
N SER A 398 11.53 -30.04 25.83
CA SER A 398 12.21 -28.77 25.56
C SER A 398 12.53 -28.02 26.84
N GLY A 399 11.71 -28.20 27.89
CA GLY A 399 12.02 -27.59 29.17
C GLY A 399 13.31 -28.13 29.76
N LEU A 400 13.49 -29.46 29.71
CA LEU A 400 14.70 -30.07 30.26
C LEU A 400 15.96 -29.45 29.70
N PHE A 401 16.01 -29.29 28.38
CA PHE A 401 17.19 -28.72 27.74
C PHE A 401 17.36 -27.25 28.06
N LEU A 402 16.27 -26.55 28.38
CA LEU A 402 16.38 -25.15 28.78
C LEU A 402 17.04 -25.01 30.15
N ALA A 403 16.72 -25.92 31.07
CA ALA A 403 17.32 -25.87 32.40
C ALA A 403 18.81 -26.21 32.34
N ILE A 404 19.18 -27.18 31.50
CA ILE A 404 20.59 -27.55 31.37
C ILE A 404 21.40 -26.36 30.85
N LEU A 405 20.86 -25.65 29.86
CA LEU A 405 21.52 -24.45 29.37
C LEU A 405 21.71 -23.44 30.50
N ALA A 406 20.61 -23.06 31.17
CA ALA A 406 20.67 -21.99 32.15
C ALA A 406 21.65 -22.31 33.27
N GLY A 407 21.71 -23.58 33.69
CA GLY A 407 22.60 -23.95 34.77
C GLY A 407 24.05 -24.05 34.36
N GLU A 408 24.31 -24.47 33.12
CA GLU A 408 25.66 -24.81 32.71
C GLU A 408 26.22 -23.91 31.61
N ILE A 409 25.44 -22.93 31.12
CA ILE A 409 25.88 -22.15 29.97
C ILE A 409 27.17 -21.40 30.28
N ASP A 410 27.32 -20.93 31.52
CA ASP A 410 28.48 -20.17 31.93
C ASP A 410 29.58 -21.05 32.50
N HIS A 411 29.42 -22.37 32.44
CA HIS A 411 30.31 -23.29 33.13
C HIS A 411 30.89 -24.40 32.25
N ILE A 412 30.23 -24.78 31.16
CA ILE A 412 30.68 -25.89 30.34
C ILE A 412 30.99 -25.38 28.94
N GLY A 413 31.54 -26.27 28.11
CA GLY A 413 32.05 -25.90 26.81
C GLY A 413 30.98 -25.76 25.75
N LYS A 414 31.43 -25.41 24.55
CA LYS A 414 30.51 -25.16 23.43
C LYS A 414 29.75 -26.42 23.05
N GLY A 415 30.47 -27.52 22.86
CA GLY A 415 29.88 -28.76 22.37
C GLY A 415 28.63 -29.20 23.11
N PRO A 416 28.73 -29.40 24.43
CA PRO A 416 27.54 -29.82 25.18
C PRO A 416 26.37 -28.87 25.04
N LEU A 417 26.64 -27.55 25.02
CA LEU A 417 25.57 -26.57 24.91
C LEU A 417 24.90 -26.63 23.55
N LEU A 418 25.70 -26.76 22.48
CA LEU A 418 25.15 -26.81 21.13
C LEU A 418 24.21 -28.00 20.96
N ALA A 419 24.60 -29.16 21.49
CA ALA A 419 23.80 -30.36 21.31
C ALA A 419 22.42 -30.19 21.94
N CYS A 420 22.40 -29.69 23.19
CA CYS A 420 21.12 -29.47 23.87
C CYS A 420 20.27 -28.44 23.14
N PHE A 421 20.91 -27.40 22.59
CA PHE A 421 20.17 -26.39 21.85
C PHE A 421 19.46 -26.98 20.64
N THR A 422 20.13 -27.91 19.94
CA THR A 422 19.50 -28.55 18.79
C THR A 422 18.35 -29.45 19.22
N PHE A 423 18.53 -30.18 20.32
CA PHE A 423 17.47 -31.04 20.84
C PHE A 423 16.24 -30.22 21.18
N MET A 424 16.44 -29.06 21.81
CA MET A 424 15.34 -28.16 22.13
C MET A 424 14.56 -27.77 20.89
N GLN A 425 15.26 -27.23 19.89
CA GLN A 425 14.63 -26.84 18.63
C GLN A 425 13.87 -27.99 18.02
N PHE A 426 14.42 -29.20 18.12
CA PHE A 426 13.75 -30.39 17.59
C PHE A 426 12.40 -30.60 18.28
N PHE A 427 12.36 -30.49 19.61
CA PHE A 427 11.14 -30.76 20.35
C PHE A 427 10.20 -29.57 20.38
N PHE A 428 10.63 -28.40 19.90
CA PHE A 428 9.68 -27.33 19.62
C PHE A 428 8.71 -27.76 18.55
N ASN A 429 9.25 -28.17 17.40
CA ASN A 429 8.44 -28.56 16.25
C ASN A 429 7.95 -29.98 16.38
N PHE A 430 8.72 -30.84 17.07
CA PHE A 430 8.22 -32.14 17.49
C PHE A 430 7.63 -32.00 18.89
N GLY A 431 6.46 -31.37 18.92
CA GLY A 431 5.78 -31.14 20.18
C GLY A 431 4.76 -30.03 20.18
N ALA A 432 4.94 -29.06 21.09
CA ALA A 432 3.89 -28.09 21.37
C ALA A 432 3.65 -27.15 20.19
N ASN A 433 4.73 -26.66 19.57
CA ASN A 433 4.58 -25.66 18.51
C ASN A 433 3.69 -26.16 17.39
N THR A 434 3.84 -27.43 17.00
CA THR A 434 3.02 -27.98 15.92
C THR A 434 1.66 -28.40 16.42
N THR A 435 1.58 -28.97 17.63
CA THR A 435 0.31 -29.49 18.12
C THR A 435 -0.63 -28.36 18.53
N THR A 436 -0.10 -27.30 19.16
CA THR A 436 -0.96 -26.17 19.52
C THR A 436 -1.64 -25.59 18.30
N PHE A 437 -0.91 -25.51 17.18
CA PHE A 437 -1.51 -25.07 15.93
C PHE A 437 -2.57 -26.07 15.47
N ILE A 438 -2.28 -27.36 15.61
CA ILE A 438 -3.23 -28.39 15.21
C ILE A 438 -4.40 -28.46 16.18
N VAL A 439 -4.10 -28.45 17.48
CA VAL A 439 -5.15 -28.62 18.50
C VAL A 439 -6.14 -27.46 18.44
N ALA A 440 -5.66 -26.24 18.19
CA ALA A 440 -6.55 -25.10 18.13
C ALA A 440 -7.52 -25.20 16.96
N ALA A 441 -7.08 -25.78 15.85
CA ALA A 441 -7.96 -25.94 14.70
C ALA A 441 -8.85 -27.17 14.80
N GLU A 442 -8.47 -28.12 15.66
CA GLU A 442 -9.17 -29.41 15.75
C GLU A 442 -10.14 -29.50 16.91
N LEU A 443 -10.03 -28.62 17.91
CA LEU A 443 -10.84 -28.75 19.11
C LEU A 443 -12.27 -28.27 18.91
N PHE A 444 -12.49 -27.35 18.01
CA PHE A 444 -13.72 -26.58 18.12
C PHE A 444 -14.69 -26.92 17.01
N PRO A 445 -15.97 -27.05 17.32
CA PRO A 445 -16.98 -27.18 16.26
C PRO A 445 -17.01 -25.94 15.39
N THR A 446 -17.36 -26.16 14.13
CA THR A 446 -17.24 -25.10 13.12
C THR A 446 -18.05 -23.86 13.47
N ARG A 447 -19.17 -24.03 14.17
CA ARG A 447 -20.04 -22.89 14.46
C ARG A 447 -19.35 -21.79 15.26
N ILE A 448 -18.21 -22.08 15.90
CA ILE A 448 -17.48 -21.08 16.68
C ILE A 448 -15.99 -21.18 16.38
N ARG A 449 -15.62 -22.12 15.52
CA ARG A 449 -14.20 -22.43 15.30
C ARG A 449 -13.44 -21.20 14.80
N ALA A 450 -14.06 -20.38 13.96
CA ALA A 450 -13.38 -19.21 13.42
C ALA A 450 -12.91 -18.28 14.53
N SER A 451 -13.77 -18.03 15.51
CA SER A 451 -13.38 -17.19 16.65
C SER A 451 -12.37 -17.91 17.52
N ALA A 452 -12.70 -19.14 17.94
CA ALA A 452 -11.86 -19.85 18.90
C ALA A 452 -10.46 -20.08 18.36
N HIS A 453 -10.36 -20.44 17.07
CA HIS A 453 -9.03 -20.56 16.46
C HIS A 453 -8.40 -19.19 16.29
N GLY A 454 -9.21 -18.19 15.94
CA GLY A 454 -8.69 -16.84 15.82
C GLY A 454 -8.18 -16.30 17.14
N ILE A 455 -8.93 -16.54 18.21
CA ILE A 455 -8.48 -16.09 19.53
C ILE A 455 -7.28 -16.92 19.99
N SER A 456 -7.28 -18.21 19.68
CA SER A 456 -6.15 -19.06 20.04
C SER A 456 -4.90 -18.62 19.30
N ALA A 457 -5.02 -18.40 17.99
CA ALA A 457 -3.89 -17.90 17.20
C ALA A 457 -3.47 -16.52 17.67
N ALA A 458 -4.44 -15.66 18.00
CA ALA A 458 -4.11 -14.36 18.57
C ALA A 458 -3.40 -14.51 19.90
N ALA A 459 -3.88 -15.45 20.75
CA ALA A 459 -3.21 -15.72 22.01
C ALA A 459 -1.77 -16.15 21.79
N GLY A 460 -1.52 -16.99 20.78
CA GLY A 460 -0.15 -17.39 20.49
C GLY A 460 0.74 -16.23 20.14
N GLN A 461 0.30 -15.39 19.20
CA GLN A 461 1.10 -14.23 18.81
C GLN A 461 1.36 -13.30 19.98
N CYS A 462 0.50 -13.32 21.00
CA CYS A 462 0.73 -12.51 22.19
C CYS A 462 1.96 -12.99 22.95
N GLY A 463 2.12 -14.30 23.11
CA GLY A 463 3.33 -14.82 23.72
C GLY A 463 4.56 -14.52 22.87
N ALA A 464 4.40 -14.62 21.54
CA ALA A 464 5.52 -14.35 20.64
C ALA A 464 6.03 -12.93 20.81
N ILE A 465 5.13 -11.95 20.86
CA ILE A 465 5.55 -10.56 20.94
C ILE A 465 6.12 -10.24 22.31
N LEU A 466 5.64 -10.92 23.36
CA LEU A 466 6.16 -10.67 24.70
C LEU A 466 7.65 -10.97 24.77
N SER A 467 8.02 -12.23 24.49
CA SER A 467 9.43 -12.60 24.51
C SER A 467 10.22 -11.81 23.48
N SER A 468 9.66 -11.62 22.28
CA SER A 468 10.37 -10.89 21.23
C SER A 468 10.73 -9.48 21.66
N LEU A 469 9.82 -8.81 22.38
CA LEU A 469 9.99 -7.40 22.73
C LEU A 469 10.98 -7.17 23.86
N VAL A 470 11.38 -8.20 24.60
CA VAL A 470 12.09 -7.99 25.85
C VAL A 470 13.28 -8.93 25.98
N PHE A 471 13.44 -9.84 25.01
CA PHE A 471 14.45 -10.88 25.12
C PHE A 471 15.85 -10.29 25.32
N ASN A 472 16.27 -9.40 24.42
CA ASN A 472 17.62 -8.84 24.49
C ASN A 472 17.78 -7.81 25.61
N GLN A 473 16.67 -7.21 26.07
CA GLN A 473 16.77 -6.29 27.20
C GLN A 473 17.03 -7.02 28.50
N LEU A 474 16.31 -8.13 28.73
CA LEU A 474 16.53 -8.93 29.92
C LEU A 474 17.94 -9.52 29.93
N LYS A 475 18.43 -9.92 28.75
CA LYS A 475 19.75 -10.53 28.65
C LYS A 475 20.85 -9.65 29.23
N ALA A 476 20.69 -8.33 29.15
CA ALA A 476 21.68 -7.42 29.70
C ALA A 476 21.39 -7.04 31.16
N LYS A 477 20.12 -7.09 31.56
CA LYS A 477 19.75 -6.65 32.90
C LYS A 477 19.93 -7.76 33.93
N ILE A 478 19.62 -9.01 33.57
CA ILE A 478 19.60 -10.10 34.52
C ILE A 478 20.51 -11.24 34.08
N GLY A 479 20.96 -11.20 32.83
CA GLY A 479 21.83 -12.24 32.31
C GLY A 479 21.06 -13.29 31.53
N THR A 480 21.80 -14.03 30.70
CA THR A 480 21.19 -15.03 29.83
C THR A 480 20.69 -16.24 30.62
N SER A 481 21.47 -16.67 31.62
CA SER A 481 21.06 -17.81 32.43
C SER A 481 19.72 -17.55 33.11
N ALA A 482 19.52 -16.34 33.62
CA ALA A 482 18.25 -16.01 34.26
C ALA A 482 17.10 -16.03 33.27
N VAL A 483 17.34 -15.58 32.03
CA VAL A 483 16.27 -15.54 31.05
C VAL A 483 15.85 -16.94 30.64
N LEU A 484 16.83 -17.85 30.49
CA LEU A 484 16.51 -19.23 30.14
C LEU A 484 15.67 -19.89 31.23
N TRP A 485 15.93 -19.54 32.49
CA TRP A 485 15.09 -20.05 33.57
C TRP A 485 13.64 -19.59 33.40
N ILE A 486 13.43 -18.43 32.78
CA ILE A 486 12.07 -17.95 32.53
C ILE A 486 11.40 -18.80 31.45
N PHE A 487 12.08 -18.99 30.33
CA PHE A 487 11.56 -19.87 29.28
C PHE A 487 11.28 -21.26 29.83
N PHE A 488 12.14 -21.74 30.74
CA PHE A 488 11.92 -23.01 31.40
C PHE A 488 10.58 -23.02 32.13
N SER A 489 10.29 -21.97 32.89
CA SER A 489 9.04 -21.90 33.65
C SER A 489 7.83 -21.93 32.74
N THR A 490 7.92 -21.27 31.58
CA THR A 490 6.80 -21.24 30.66
C THR A 490 6.49 -22.62 30.09
N CYS A 491 7.51 -23.47 29.97
CA CYS A 491 7.28 -24.82 29.45
C CYS A 491 6.54 -25.68 30.46
N ILE A 492 6.88 -25.54 31.75
CA ILE A 492 6.22 -26.33 32.79
C ILE A 492 4.75 -25.95 32.86
N LEU A 493 4.45 -24.65 32.76
CA LEU A 493 3.06 -24.21 32.77
C LEU A 493 2.31 -24.71 31.56
N GLY A 494 2.97 -24.75 30.39
CA GLY A 494 2.35 -25.35 29.22
C GLY A 494 2.04 -26.81 29.42
N PHE A 495 2.97 -27.56 30.02
CA PHE A 495 2.70 -28.96 30.35
C PHE A 495 1.49 -29.10 31.26
N ILE A 496 1.42 -28.27 32.29
CA ILE A 496 0.29 -28.32 33.22
C ILE A 496 -1.01 -28.00 32.49
N SER A 497 -1.00 -26.95 31.67
CA SER A 497 -2.20 -26.49 31.01
C SER A 497 -2.72 -27.50 29.99
N THR A 498 -1.84 -28.35 29.44
CA THR A 498 -2.24 -29.29 28.42
C THR A 498 -3.30 -30.26 28.92
N PHE A 499 -3.41 -30.43 30.25
CA PHE A 499 -4.42 -31.30 30.82
C PHE A 499 -5.83 -30.81 30.53
N LEU A 500 -5.98 -29.52 30.22
CA LEU A 500 -7.29 -28.92 29.94
C LEU A 500 -7.84 -29.33 28.59
N ILE A 501 -7.05 -30.00 27.76
CA ILE A 501 -7.39 -30.22 26.36
C ILE A 501 -8.00 -31.61 26.21
N ASP A 502 -9.02 -31.71 25.35
CA ASP A 502 -9.52 -33.01 24.93
C ASP A 502 -8.66 -33.53 23.79
N GLU A 503 -8.36 -34.82 23.81
CA GLU A 503 -7.59 -35.41 22.73
C GLU A 503 -8.43 -35.38 21.46
N THR A 504 -7.89 -34.78 20.41
CA THR A 504 -8.63 -34.55 19.17
C THR A 504 -8.34 -35.60 18.11
N MET A 505 -7.43 -36.53 18.37
CA MET A 505 -7.12 -37.59 17.42
C MET A 505 -8.35 -38.44 17.14
N GLY A 506 -8.78 -38.45 15.89
CA GLY A 506 -9.91 -39.27 15.48
C GLY A 506 -11.28 -38.81 15.94
N VAL A 507 -11.39 -37.64 16.58
CA VAL A 507 -12.67 -37.12 17.04
C VAL A 507 -13.13 -36.04 16.08
N ASP A 508 -14.43 -36.02 15.78
CA ASP A 508 -15.01 -34.95 14.98
C ASP A 508 -15.61 -33.93 15.95
N PRO A 509 -15.07 -32.72 16.05
CA PRO A 509 -15.61 -31.75 17.01
C PRO A 509 -17.03 -31.33 16.70
N ASP A 510 -17.45 -31.40 15.44
CA ASP A 510 -18.83 -31.11 15.11
C ASP A 510 -19.76 -32.23 15.56
N GLU A 511 -19.35 -33.48 15.35
CA GLU A 511 -20.13 -34.62 15.83
C GLU A 511 -20.19 -34.64 17.36
N LYS A 512 -19.09 -34.27 18.03
CA LYS A 512 -19.11 -34.22 19.48
C LYS A 512 -20.09 -33.16 19.98
N ASP A 513 -20.11 -32.00 19.32
CA ASP A 513 -21.04 -30.94 19.71
C ASP A 513 -22.49 -31.38 19.47
N LEU A 514 -22.74 -32.10 18.37
CA LEU A 514 -24.08 -32.59 18.09
C LEU A 514 -24.52 -33.63 19.11
N GLU A 515 -23.62 -34.54 19.47
CA GLU A 515 -23.96 -35.54 20.47
C GLU A 515 -24.12 -34.91 21.85
N GLU A 516 -23.30 -33.91 22.17
CA GLU A 516 -23.47 -33.15 23.41
C GLU A 516 -24.87 -32.58 23.51
N ARG A 517 -25.42 -32.08 22.40
CA ARG A 517 -26.72 -31.41 22.43
C ARG A 517 -27.86 -32.42 22.40
N ARG A 518 -27.73 -33.50 21.62
CA ARG A 518 -28.82 -34.46 21.51
C ARG A 518 -29.04 -35.23 22.80
N ALA A 519 -27.99 -35.41 23.61
CA ALA A 519 -28.16 -36.07 24.90
C ALA A 519 -28.85 -35.18 25.91
N ARG A 520 -28.92 -33.88 25.65
CA ARG A 520 -29.57 -32.94 26.55
C ARG A 520 -30.72 -32.22 25.86
N PRO B 32 20.57 18.75 -3.94
CA PRO B 32 20.59 20.09 -4.55
C PRO B 32 19.19 20.66 -4.75
N GLN B 33 19.10 21.84 -5.37
CA GLN B 33 17.80 22.43 -5.64
C GLN B 33 17.01 21.65 -6.68
N ILE B 34 17.70 20.85 -7.50
CA ILE B 34 17.03 20.16 -8.60
C ILE B 34 16.11 19.07 -8.08
N LYS B 35 16.60 18.26 -7.14
CA LYS B 35 15.86 17.09 -6.68
C LYS B 35 14.51 17.44 -6.07
N LEU B 36 14.33 18.68 -5.61
CA LEU B 36 13.06 19.06 -5.00
C LEU B 36 11.99 19.33 -6.05
N VAL B 37 12.36 20.03 -7.13
CA VAL B 37 11.36 20.36 -8.15
C VAL B 37 10.97 19.12 -8.93
N LEU B 38 11.91 18.18 -9.12
CA LEU B 38 11.57 16.90 -9.72
C LEU B 38 10.57 16.14 -8.84
N LEU B 39 10.77 16.20 -7.53
CA LEU B 39 9.86 15.53 -6.60
C LEU B 39 8.47 16.17 -6.63
N ALA B 40 8.40 17.48 -6.81
CA ALA B 40 7.10 18.12 -7.02
C ALA B 40 6.48 17.69 -8.34
N GLY B 41 7.31 17.56 -9.39
CA GLY B 41 6.79 17.13 -10.68
C GLY B 41 6.15 15.76 -10.62
N VAL B 42 6.86 14.78 -10.06
CA VAL B 42 6.30 13.44 -9.95
C VAL B 42 5.09 13.44 -9.02
N GLY B 43 5.06 14.37 -8.06
CA GLY B 43 3.85 14.53 -7.26
C GLY B 43 2.68 15.00 -8.09
N PHE B 44 2.90 15.99 -8.95
CA PHE B 44 1.84 16.46 -9.84
C PHE B 44 1.38 15.36 -10.78
N PHE B 45 2.32 14.60 -11.34
CA PHE B 45 1.96 13.51 -12.25
C PHE B 45 0.97 12.55 -11.60
N LEU B 46 1.27 12.12 -10.36
CA LEU B 46 0.39 11.17 -9.69
C LEU B 46 -0.99 11.76 -9.46
N ASP B 47 -1.06 13.03 -9.05
CA ASP B 47 -2.35 13.70 -8.92
C ASP B 47 -3.08 13.74 -10.26
N ALA B 48 -2.37 14.13 -11.31
CA ALA B 48 -3.00 14.20 -12.63
C ALA B 48 -3.43 12.83 -13.11
N TYR B 49 -2.58 11.81 -12.93
CA TYR B 49 -2.97 10.45 -13.30
C TYR B 49 -4.24 10.04 -12.58
N ASP B 50 -4.27 10.25 -11.25
CA ASP B 50 -5.43 9.82 -10.46
C ASP B 50 -6.68 10.58 -10.84
N LEU B 51 -6.54 11.88 -11.17
CA LEU B 51 -7.68 12.69 -11.54
C LEU B 51 -8.30 12.23 -12.85
N PHE B 52 -7.48 12.16 -13.91
CA PHE B 52 -8.00 11.95 -15.26
C PHE B 52 -8.25 10.49 -15.59
N ILE B 53 -7.63 9.55 -14.87
CA ILE B 53 -7.83 8.14 -15.17
C ILE B 53 -9.29 7.73 -15.03
N ILE B 54 -10.09 8.52 -14.33
CA ILE B 54 -11.53 8.26 -14.23
C ILE B 54 -12.17 8.36 -15.61
N ASN B 55 -11.58 9.15 -16.51
CA ASN B 55 -12.12 9.26 -17.86
C ASN B 55 -11.97 7.96 -18.64
N GLN B 56 -10.88 7.23 -18.40
CA GLN B 56 -10.68 5.95 -19.07
C GLN B 56 -11.42 4.82 -18.37
N VAL B 57 -11.67 4.97 -17.06
CA VAL B 57 -12.31 3.91 -16.31
C VAL B 57 -13.82 3.92 -16.55
N ALA B 58 -14.40 5.11 -16.74
CA ALA B 58 -15.85 5.23 -16.86
C ALA B 58 -16.43 4.37 -17.99
N PRO B 59 -15.87 4.37 -19.21
CA PRO B 59 -16.47 3.52 -20.26
C PRO B 59 -16.39 2.03 -19.95
N MET B 60 -15.37 1.62 -19.19
CA MET B 60 -15.23 0.22 -18.83
C MET B 60 -16.28 -0.19 -17.80
N LEU B 61 -16.54 0.68 -16.82
CA LEU B 61 -17.59 0.43 -15.85
C LEU B 61 -18.94 0.31 -16.53
N ALA B 62 -19.16 1.10 -17.58
CA ALA B 62 -20.41 1.01 -18.33
C ALA B 62 -20.56 -0.36 -18.98
N GLN B 63 -19.51 -0.82 -19.67
CA GLN B 63 -19.60 -2.09 -20.37
C GLN B 63 -19.85 -3.25 -19.41
N VAL B 64 -19.39 -3.13 -18.17
CA VAL B 64 -19.53 -4.22 -17.21
C VAL B 64 -20.89 -4.18 -16.54
N TYR B 65 -21.20 -3.07 -15.86
CA TYR B 65 -22.36 -3.01 -14.98
C TYR B 65 -23.61 -2.40 -15.62
N PHE B 66 -23.48 -1.68 -16.74
CA PHE B 66 -24.64 -1.15 -17.44
C PHE B 66 -24.45 -1.31 -18.95
N PRO B 67 -24.31 -2.55 -19.43
CA PRO B 67 -24.08 -2.74 -20.87
C PRO B 67 -25.30 -2.42 -21.70
N LYS B 68 -26.50 -2.54 -21.14
CA LYS B 68 -27.75 -2.38 -21.87
C LYS B 68 -28.24 -0.94 -21.91
N THR B 69 -28.02 -0.16 -20.86
CA THR B 69 -28.53 1.21 -20.81
C THR B 69 -27.46 2.29 -20.68
N GLY B 70 -26.36 2.02 -19.99
CA GLY B 70 -25.32 3.01 -19.81
C GLY B 70 -25.33 3.61 -18.41
N LEU B 71 -24.28 4.35 -18.11
CA LEU B 71 -24.15 5.00 -16.80
C LEU B 71 -25.22 6.06 -16.62
N PRO B 72 -25.98 6.02 -15.52
CA PRO B 72 -26.91 7.12 -15.21
C PRO B 72 -26.20 8.47 -15.19
N ALA B 73 -26.86 9.49 -15.72
CA ALA B 73 -26.23 10.79 -15.89
C ALA B 73 -25.79 11.38 -14.55
N GLN B 74 -26.69 11.41 -13.58
CA GLN B 74 -26.36 12.05 -12.30
C GLN B 74 -25.26 11.30 -11.57
N ARG B 75 -25.29 9.97 -11.60
CA ARG B 75 -24.29 9.20 -10.86
C ARG B 75 -22.90 9.33 -11.49
N GLN B 76 -22.83 9.38 -12.82
CA GLN B 76 -21.54 9.58 -13.47
C GLN B 76 -20.97 10.96 -13.16
N ASP B 77 -21.84 11.98 -13.10
CA ASP B 77 -21.39 13.33 -12.78
C ASP B 77 -20.77 13.40 -11.39
N LEU B 78 -21.43 12.79 -10.40
CA LEU B 78 -20.89 12.78 -9.04
C LEU B 78 -19.55 12.05 -8.99
N MET B 79 -19.43 10.94 -9.71
CA MET B 79 -18.21 10.14 -9.68
C MET B 79 -17.01 10.93 -10.16
N LYS B 80 -17.18 11.71 -11.23
CA LYS B 80 -16.04 12.39 -11.83
C LYS B 80 -15.69 13.67 -11.07
N ALA B 81 -16.69 14.34 -10.49
CA ALA B 81 -16.44 15.50 -9.64
C ALA B 81 -15.87 15.11 -8.28
N ALA B 82 -16.06 13.85 -7.87
CA ALA B 82 -15.66 13.43 -6.52
C ALA B 82 -14.22 13.78 -6.21
N ALA B 83 -13.30 13.52 -7.15
CA ALA B 83 -11.89 13.78 -6.91
C ALA B 83 -11.64 15.28 -6.72
N ASN B 84 -12.34 16.12 -7.48
CA ASN B 84 -12.15 17.56 -7.35
C ASN B 84 -12.80 18.10 -6.09
N ILE B 85 -13.90 17.48 -5.64
CA ILE B 85 -14.54 17.90 -4.40
C ILE B 85 -13.61 17.69 -3.22
N GLY B 86 -13.00 16.51 -3.12
CA GLY B 86 -11.98 16.30 -2.12
C GLY B 86 -10.78 17.20 -2.29
N CYS B 87 -10.51 17.63 -3.53
CA CYS B 87 -9.33 18.44 -3.79
C CYS B 87 -9.40 19.79 -3.07
N VAL B 88 -10.58 20.39 -2.99
CA VAL B 88 -10.70 21.64 -2.23
C VAL B 88 -10.79 21.34 -0.74
N VAL B 89 -11.46 20.25 -0.37
CA VAL B 89 -11.53 19.85 1.03
C VAL B 89 -10.14 19.59 1.58
N GLY B 90 -9.26 19.02 0.75
CA GLY B 90 -7.90 18.74 1.20
C GLY B 90 -7.17 20.00 1.60
N GLN B 91 -7.12 20.99 0.70
CA GLN B 91 -6.37 22.20 0.97
C GLN B 91 -7.00 23.05 2.07
N VAL B 92 -8.29 22.83 2.35
CA VAL B 92 -8.92 23.48 3.50
C VAL B 92 -8.65 22.69 4.78
N MET B 93 -8.84 21.36 4.72
CA MET B 93 -8.57 20.52 5.88
C MET B 93 -7.08 20.47 6.18
N PHE B 94 -6.27 20.13 5.18
CA PHE B 94 -4.82 20.18 5.33
C PHE B 94 -4.31 21.60 5.49
N GLY B 95 -5.16 22.60 5.31
CA GLY B 95 -4.82 23.96 5.66
C GLY B 95 -4.98 24.15 7.14
N VAL B 96 -6.09 23.70 7.71
CA VAL B 96 -6.26 23.77 9.15
C VAL B 96 -5.22 22.90 9.85
N LEU B 97 -5.08 21.65 9.41
CA LEU B 97 -4.10 20.76 10.01
C LEU B 97 -2.67 21.16 9.67
N GLY B 98 -2.42 21.52 8.40
CA GLY B 98 -1.08 21.85 7.96
C GLY B 98 -0.63 23.30 7.91
N ASP B 99 -1.52 24.23 7.54
CA ASP B 99 -1.14 25.64 7.44
C ASP B 99 -1.06 26.32 8.79
N SER B 100 -1.83 25.84 9.78
CA SER B 100 -1.86 26.47 11.09
C SER B 100 -0.55 26.24 11.84
N PHE B 105 4.75 16.61 8.78
CA PHE B 105 3.50 16.72 9.52
C PHE B 105 2.33 16.35 8.60
N VAL B 106 2.33 16.93 7.41
CA VAL B 106 1.36 16.60 6.37
C VAL B 106 2.01 15.98 5.15
N TYR B 107 3.35 16.01 5.08
CA TYR B 107 4.09 15.62 3.89
C TYR B 107 3.76 14.20 3.46
N GLY B 108 3.75 13.26 4.41
CA GLY B 108 3.46 11.87 4.11
C GLY B 108 1.99 11.56 4.18
N LYS B 109 1.28 12.24 5.08
CA LYS B 109 -0.11 11.91 5.36
C LYS B 109 -1.02 12.16 4.16
N GLU B 110 -0.66 13.10 3.29
CA GLU B 110 -1.43 13.32 2.08
C GLU B 110 -1.21 12.20 1.07
N LEU B 111 0.03 11.70 0.99
CA LEU B 111 0.37 10.68 0.02
C LEU B 111 -0.16 9.31 0.42
N ILE B 112 -0.19 9.02 1.71
CA ILE B 112 -0.73 7.74 2.15
C ILE B 112 -2.24 7.72 1.99
N LEU B 113 -2.88 8.88 2.10
CA LEU B 113 -4.33 8.95 1.97
C LEU B 113 -4.77 8.63 0.55
N ILE B 114 -4.05 9.16 -0.45
CA ILE B 114 -4.41 8.87 -1.83
C ILE B 114 -4.02 7.44 -2.18
N ILE B 115 -3.00 6.89 -1.52
CA ILE B 115 -2.65 5.49 -1.72
C ILE B 115 -3.76 4.60 -1.20
N VAL B 116 -4.23 4.87 0.02
CA VAL B 116 -5.33 4.09 0.59
C VAL B 116 -6.59 4.28 -0.23
N ALA B 117 -6.87 5.53 -0.62
CA ALA B 117 -8.04 5.80 -1.45
C ALA B 117 -7.95 5.08 -2.79
N THR B 118 -6.74 4.99 -3.35
CA THR B 118 -6.56 4.24 -4.60
C THR B 118 -6.86 2.77 -4.39
N ILE B 119 -6.46 2.22 -3.24
CA ILE B 119 -6.61 0.79 -3.00
C ILE B 119 -8.07 0.43 -2.75
N PHE B 120 -8.76 1.23 -1.92
CA PHE B 120 -10.18 1.00 -1.68
C PHE B 120 -10.97 1.15 -2.98
N GLN B 121 -10.67 2.20 -3.74
CA GLN B 121 -11.28 2.39 -5.06
C GLN B 121 -11.01 1.20 -5.97
N MET B 122 -9.81 0.62 -5.89
CA MET B 122 -9.39 -0.41 -6.83
C MET B 122 -10.15 -1.72 -6.64
N SER B 123 -10.55 -2.04 -5.41
CA SER B 123 -11.04 -3.37 -5.08
C SER B 123 -12.52 -3.38 -4.73
N ALA B 124 -13.32 -2.61 -5.46
CA ALA B 124 -14.77 -2.70 -5.30
C ALA B 124 -15.23 -4.13 -5.55
N PRO B 125 -16.00 -4.73 -4.64
CA PRO B 125 -16.43 -6.12 -4.82
C PRO B 125 -17.16 -6.33 -6.13
N SER B 126 -16.62 -7.23 -6.96
CA SER B 126 -17.12 -7.44 -8.31
C SER B 126 -18.53 -8.02 -8.34
N HIS B 127 -19.02 -8.57 -7.23
CA HIS B 127 -20.36 -9.15 -7.19
C HIS B 127 -21.43 -8.15 -6.80
N TRP B 128 -21.08 -6.87 -6.71
CA TRP B 128 -22.01 -5.84 -6.27
C TRP B 128 -22.89 -5.35 -7.42
N ASP B 129 -23.97 -4.66 -7.05
CA ASP B 129 -24.84 -4.05 -8.05
C ASP B 129 -24.16 -2.82 -8.65
N GLY B 130 -24.57 -2.48 -9.88
CA GLY B 130 -23.96 -1.36 -10.58
C GLY B 130 -24.04 -0.06 -9.81
N ASN B 131 -25.23 0.26 -9.30
CA ASN B 131 -25.39 1.51 -8.55
C ASN B 131 -24.53 1.51 -7.30
N ARG B 132 -24.39 0.35 -6.65
CA ARG B 132 -23.58 0.25 -5.44
C ARG B 132 -22.10 0.42 -5.75
N VAL B 133 -21.64 -0.15 -6.87
CA VAL B 133 -20.23 -0.01 -7.25
C VAL B 133 -19.89 1.45 -7.54
N LEU B 134 -20.76 2.14 -8.27
CA LEU B 134 -20.51 3.54 -8.58
C LEU B 134 -20.37 4.37 -7.32
N THR B 135 -21.34 4.24 -6.40
CA THR B 135 -21.28 4.98 -5.14
C THR B 135 -20.02 4.64 -4.35
N TRP B 136 -19.54 3.40 -4.45
CA TRP B 136 -18.28 3.04 -3.81
C TRP B 136 -17.13 3.88 -4.35
N ILE B 137 -17.05 4.04 -5.66
CA ILE B 137 -15.88 4.68 -6.27
C ILE B 137 -15.90 6.18 -5.99
N THR B 138 -17.08 6.79 -6.00
CA THR B 138 -17.20 8.22 -5.74
C THR B 138 -16.61 8.57 -4.37
N ILE B 139 -17.01 7.82 -3.34
CA ILE B 139 -16.54 8.11 -1.98
C ILE B 139 -15.03 7.95 -1.89
N CYS B 140 -14.50 6.88 -2.49
CA CYS B 140 -13.05 6.66 -2.48
C CYS B 140 -12.33 7.81 -3.17
N ARG B 141 -12.89 8.32 -4.28
CA ARG B 141 -12.22 9.39 -5.01
C ARG B 141 -12.25 10.69 -4.22
N VAL B 142 -13.24 10.86 -3.33
CA VAL B 142 -13.28 12.04 -2.48
C VAL B 142 -12.07 12.06 -1.55
N PHE B 143 -11.83 10.94 -0.86
CA PHE B 143 -10.62 10.82 -0.05
C PHE B 143 -9.38 10.93 -0.91
N LEU B 144 -9.42 10.33 -2.10
CA LEU B 144 -8.38 10.54 -3.09
C LEU B 144 -8.20 12.02 -3.37
N GLY B 145 -9.31 12.77 -3.48
CA GLY B 145 -9.20 14.19 -3.64
C GLY B 145 -8.61 14.87 -2.43
N ILE B 146 -8.97 14.41 -1.23
CA ILE B 146 -8.49 15.04 0.00
C ILE B 146 -6.97 15.00 0.07
N GLY B 147 -6.37 13.88 -0.32
CA GLY B 147 -4.92 13.81 -0.38
C GLY B 147 -4.35 14.63 -1.52
N ILE B 148 -4.98 14.55 -2.70
CA ILE B 148 -4.58 15.39 -3.82
C ILE B 148 -4.81 16.87 -3.48
N GLY B 149 -5.80 17.15 -2.64
CA GLY B 149 -6.02 18.52 -2.22
C GLY B 149 -4.95 19.05 -1.30
N GLY B 150 -4.21 18.15 -0.64
CA GLY B 150 -3.13 18.53 0.23
C GLY B 150 -1.93 19.05 -0.54
N ASP B 151 -1.32 18.17 -1.34
CA ASP B 151 -0.11 18.45 -2.11
C ASP B 151 -0.31 19.40 -3.29
N TYR B 152 -1.50 19.96 -3.50
CA TYR B 152 -1.75 20.76 -4.69
CA TYR B 152 -1.76 20.76 -4.70
C TYR B 152 -1.18 22.17 -4.58
N PRO B 153 -1.52 22.92 -3.51
CA PRO B 153 -1.07 24.34 -3.48
C PRO B 153 0.40 24.54 -3.19
N MET B 154 1.15 23.50 -2.82
CA MET B 154 2.52 23.65 -2.35
C MET B 154 3.53 24.00 -3.43
N SER B 155 3.15 23.94 -4.71
CA SER B 155 4.12 24.13 -5.79
C SER B 155 4.42 25.59 -6.13
N ALA B 156 3.70 26.55 -5.56
CA ALA B 156 3.92 27.94 -5.93
C ALA B 156 5.09 28.57 -5.18
N THR B 157 5.21 28.30 -3.89
CA THR B 157 6.25 28.93 -3.08
C THR B 157 7.63 28.32 -3.31
N VAL B 158 7.71 27.02 -3.61
CA VAL B 158 8.99 26.34 -3.67
C VAL B 158 9.93 26.95 -4.69
N VAL B 159 9.40 27.59 -5.74
CA VAL B 159 10.23 28.15 -6.79
C VAL B 159 10.12 29.67 -6.89
N SER B 160 9.11 30.30 -6.29
CA SER B 160 9.03 31.75 -6.25
C SER B 160 9.59 32.35 -4.98
N ASP B 161 9.35 31.71 -3.82
CA ASP B 161 9.90 32.22 -2.57
C ASP B 161 11.39 31.92 -2.44
N ARG B 162 11.82 30.73 -2.87
CA ARG B 162 13.22 30.36 -2.71
C ARG B 162 14.10 31.05 -3.74
N ALA B 163 13.65 31.12 -4.98
CA ALA B 163 14.51 31.59 -6.07
C ALA B 163 14.71 33.10 -6.00
N ASN B 164 13.61 33.86 -6.04
CA ASN B 164 13.67 35.31 -6.18
C ASN B 164 14.50 35.69 -7.40
N ILE B 165 14.26 34.97 -8.51
CA ILE B 165 15.06 35.09 -9.71
C ILE B 165 14.14 35.20 -10.91
N HIS B 166 14.67 35.81 -11.97
CA HIS B 166 13.95 35.93 -13.23
C HIS B 166 13.67 34.54 -13.80
N ARG B 167 12.73 34.50 -14.75
CA ARG B 167 12.41 33.27 -15.47
C ARG B 167 11.99 32.15 -14.53
N ARG B 168 11.21 32.49 -13.51
CA ARG B 168 10.70 31.46 -12.61
C ARG B 168 9.52 30.72 -13.23
N GLY B 169 8.79 31.37 -14.14
CA GLY B 169 7.60 30.74 -14.71
C GLY B 169 7.92 29.49 -15.50
N THR B 170 8.99 29.53 -16.30
CA THR B 170 9.38 28.33 -17.05
C THR B 170 9.65 27.16 -16.10
N LEU B 171 10.12 27.45 -14.89
CA LEU B 171 10.30 26.39 -13.91
C LEU B 171 8.94 25.91 -13.39
N LEU B 172 8.05 26.84 -13.07
CA LEU B 172 6.68 26.49 -12.70
C LEU B 172 6.00 25.71 -13.82
N CYS B 173 6.19 26.14 -15.06
CA CYS B 173 5.55 25.46 -16.18
C CYS B 173 6.09 24.05 -16.36
N PHE B 174 7.38 23.85 -16.07
CA PHE B 174 7.97 22.52 -16.19
C PHE B 174 7.31 21.54 -15.23
N ILE B 175 7.10 21.95 -13.98
CA ILE B 175 6.40 21.10 -13.02
C ILE B 175 4.95 20.89 -13.43
N PHE B 176 4.31 21.95 -13.94
CA PHE B 176 2.91 21.83 -14.36
C PHE B 176 2.76 20.91 -15.56
N ALA B 177 3.79 20.83 -16.41
CA ALA B 177 3.73 19.97 -17.59
C ALA B 177 3.47 18.51 -17.23
N ASN B 178 3.81 18.10 -16.01
CA ASN B 178 3.54 16.73 -15.58
C ASN B 178 2.06 16.38 -15.63
N GLN B 179 1.18 17.37 -15.65
CA GLN B 179 -0.25 17.10 -15.78
C GLN B 179 -0.56 16.43 -17.12
N GLY B 180 0.13 16.84 -18.18
CA GLY B 180 -0.07 16.19 -19.47
C GLY B 180 0.38 14.75 -19.49
N TRP B 181 1.52 14.45 -18.85
CA TRP B 181 1.98 13.08 -18.78
C TRP B 181 1.00 12.19 -18.02
N GLY B 182 0.41 12.72 -16.94
CA GLY B 182 -0.59 11.97 -16.21
C GLY B 182 -1.77 11.57 -17.07
N SER B 183 -2.29 12.50 -17.86
CA SER B 183 -3.40 12.19 -18.75
C SER B 183 -2.97 11.26 -19.88
N PHE B 184 -1.76 11.47 -20.40
CA PHE B 184 -1.30 10.65 -21.53
C PHE B 184 -0.98 9.23 -21.08
N VAL B 185 -0.18 9.09 -20.02
CA VAL B 185 0.19 7.76 -19.55
C VAL B 185 -1.05 6.95 -19.20
N GLY B 186 -2.05 7.60 -18.60
CA GLY B 186 -3.32 6.92 -18.36
C GLY B 186 -3.96 6.44 -19.64
N SER B 187 -3.88 7.26 -20.70
CA SER B 187 -4.37 6.82 -22.00
C SER B 187 -3.49 5.75 -22.60
N LEU B 188 -2.16 5.89 -22.45
CA LEU B 188 -1.25 4.87 -22.94
C LEU B 188 -1.43 3.56 -22.18
N VAL B 189 -1.56 3.63 -20.87
CA VAL B 189 -1.84 2.44 -20.07
C VAL B 189 -3.12 1.76 -20.55
N THR B 190 -4.09 2.55 -21.03
CA THR B 190 -5.38 1.99 -21.37
C THR B 190 -5.32 1.15 -22.64
N ILE B 191 -4.67 1.65 -23.70
CA ILE B 191 -4.57 0.88 -24.93
C ILE B 191 -3.73 -0.37 -24.70
N VAL B 192 -2.65 -0.25 -23.92
CA VAL B 192 -1.81 -1.40 -23.62
C VAL B 192 -2.60 -2.44 -22.84
N THR B 193 -3.39 -2.00 -21.85
CA THR B 193 -4.20 -2.92 -21.08
C THR B 193 -5.26 -3.59 -21.94
N ILE B 194 -5.97 -2.80 -22.75
CA ILE B 194 -7.04 -3.35 -23.58
C ILE B 194 -6.47 -4.36 -24.58
N SER B 195 -5.35 -4.01 -25.23
CA SER B 195 -4.72 -4.93 -26.17
C SER B 195 -4.18 -6.17 -25.48
N GLY B 196 -3.88 -6.10 -24.18
CA GLY B 196 -3.43 -7.28 -23.47
C GLY B 196 -4.54 -8.29 -23.24
N PHE B 197 -5.76 -7.82 -23.04
CA PHE B 197 -6.92 -8.68 -22.89
C PHE B 197 -7.57 -9.04 -24.21
N LYS B 198 -6.91 -8.70 -25.33
CA LYS B 198 -7.50 -8.87 -26.65
C LYS B 198 -7.98 -10.31 -26.86
N HIS B 199 -7.06 -11.26 -26.84
CA HIS B 199 -7.43 -12.66 -27.08
C HIS B 199 -8.37 -13.15 -25.98
N ARG B 200 -8.10 -12.77 -24.74
CA ARG B 200 -8.93 -13.22 -23.63
C ARG B 200 -10.36 -12.72 -23.79
N LEU B 201 -10.53 -11.49 -24.26
CA LEU B 201 -11.86 -10.96 -24.49
C LEU B 201 -12.51 -11.60 -25.71
N LYS B 202 -11.75 -11.71 -26.80
CA LYS B 202 -12.29 -12.27 -28.04
C LYS B 202 -12.70 -13.73 -27.87
N SER B 203 -12.06 -14.45 -26.96
CA SER B 203 -12.37 -15.85 -26.71
C SER B 203 -13.59 -16.05 -25.83
N GLY B 204 -14.33 -14.98 -25.52
CA GLY B 204 -15.58 -15.09 -24.80
C GLY B 204 -15.52 -14.71 -23.34
N HIS B 205 -14.34 -14.39 -22.82
CA HIS B 205 -14.19 -14.03 -21.41
C HIS B 205 -14.41 -12.52 -21.25
N THR B 206 -15.67 -12.13 -21.46
CA THR B 206 -16.01 -10.72 -21.51
C THR B 206 -15.93 -10.04 -20.15
N HIS B 207 -16.02 -10.80 -19.06
CA HIS B 207 -15.97 -10.19 -17.73
C HIS B 207 -14.59 -9.69 -17.36
N ASP B 208 -13.55 -10.05 -18.11
CA ASP B 208 -12.20 -9.59 -17.78
C ASP B 208 -12.03 -8.09 -17.90
N VAL B 209 -12.99 -7.38 -18.52
CA VAL B 209 -12.97 -5.92 -18.49
C VAL B 209 -13.04 -5.43 -17.06
N ASP B 210 -13.71 -6.20 -16.18
CA ASP B 210 -13.74 -5.86 -14.76
C ASP B 210 -12.34 -5.88 -14.16
N LYS B 211 -11.46 -6.73 -14.67
CA LYS B 211 -10.07 -6.71 -14.24
C LYS B 211 -9.32 -5.52 -14.84
N ALA B 212 -9.68 -5.12 -16.06
CA ALA B 212 -8.90 -4.10 -16.77
C ALA B 212 -8.99 -2.75 -16.08
N TRP B 213 -10.22 -2.31 -15.75
CA TRP B 213 -10.39 -0.98 -15.16
C TRP B 213 -9.73 -0.88 -13.79
N ARG B 214 -9.65 -1.99 -13.06
CA ARG B 214 -8.91 -1.99 -11.80
C ARG B 214 -7.42 -1.83 -12.05
N ILE B 215 -6.92 -2.36 -13.16
CA ILE B 215 -5.50 -2.23 -13.49
C ILE B 215 -5.16 -0.78 -13.78
N LEU B 216 -6.07 -0.06 -14.44
CA LEU B 216 -5.81 1.34 -14.77
C LEU B 216 -5.63 2.17 -13.50
N ILE B 217 -6.48 1.96 -12.50
CA ILE B 217 -6.38 2.70 -11.26
C ILE B 217 -5.17 2.24 -10.44
N GLY B 218 -4.97 0.93 -10.36
CA GLY B 218 -3.94 0.39 -9.47
C GLY B 218 -2.53 0.77 -9.86
N LEU B 219 -2.26 0.90 -11.15
CA LEU B 219 -0.91 1.20 -11.61
C LEU B 219 -0.41 2.53 -11.09
N SER B 220 -1.31 3.41 -10.64
CA SER B 220 -0.90 4.66 -10.02
C SER B 220 -0.16 4.45 -8.70
N LEU B 221 -0.32 3.28 -8.08
CA LEU B 221 0.34 3.03 -6.80
C LEU B 221 1.86 3.01 -6.95
N ILE B 222 2.36 2.65 -8.13
CA ILE B 222 3.80 2.51 -8.33
C ILE B 222 4.54 3.84 -8.15
N PRO B 223 4.14 4.93 -8.82
CA PRO B 223 4.80 6.21 -8.51
C PRO B 223 4.51 6.70 -7.11
N ALA B 224 3.35 6.33 -6.54
CA ALA B 224 3.00 6.78 -5.21
C ALA B 224 4.00 6.26 -4.18
N PHE B 225 4.32 4.98 -4.24
CA PHE B 225 5.32 4.42 -3.33
C PHE B 225 6.72 4.93 -3.68
N GLY B 226 7.02 5.07 -4.97
CA GLY B 226 8.30 5.63 -5.36
C GLY B 226 8.52 7.02 -4.79
N THR B 227 7.48 7.85 -4.80
CA THR B 227 7.60 9.16 -4.18
C THR B 227 7.75 9.04 -2.67
N LEU B 228 7.00 8.12 -2.05
CA LEU B 228 7.16 7.90 -0.62
C LEU B 228 8.60 7.65 -0.26
N TYR B 229 9.27 6.76 -1.01
CA TYR B 229 10.68 6.51 -0.75
C TYR B 229 11.50 7.79 -0.88
N GLN B 230 11.23 8.57 -1.93
CA GLN B 230 11.96 9.83 -2.10
C GLN B 230 11.53 10.86 -1.07
N ARG B 231 10.24 10.86 -0.69
CA ARG B 231 9.79 11.76 0.37
C ARG B 231 10.36 11.34 1.72
N LEU B 232 10.50 10.03 1.96
CA LEU B 232 11.11 9.51 3.17
C LEU B 232 12.63 9.60 3.11
N THR B 233 13.25 9.04 2.07
CA THR B 233 14.70 9.09 1.93
C THR B 233 15.11 10.47 1.39
N LEU B 234 14.93 11.47 2.23
CA LEU B 234 15.33 12.83 1.92
C LEU B 234 16.85 12.93 1.79
N LYS B 296 -5.10 34.23 11.66
CA LYS B 296 -6.29 35.04 11.78
C LYS B 296 -5.92 36.52 11.95
N ALA B 297 -4.70 36.76 12.42
CA ALA B 297 -4.20 38.13 12.59
C ALA B 297 -3.73 38.73 11.27
N HIS B 298 -3.12 37.92 10.40
CA HIS B 298 -2.66 38.33 9.08
C HIS B 298 -3.81 38.67 8.14
N TRP B 299 -5.04 38.29 8.50
CA TRP B 299 -6.21 38.54 7.66
C TRP B 299 -6.45 40.04 7.44
N GLN B 300 -6.14 40.87 8.44
CA GLN B 300 -6.35 42.31 8.29
C GLN B 300 -5.43 42.88 7.21
N GLU B 301 -4.18 42.39 7.14
CA GLU B 301 -3.27 42.83 6.08
C GLU B 301 -3.78 42.42 4.71
N PHE B 302 -4.32 41.20 4.60
CA PHE B 302 -4.93 40.76 3.34
C PHE B 302 -6.04 41.71 2.91
N VAL B 303 -6.95 42.04 3.83
CA VAL B 303 -8.02 42.97 3.51
C VAL B 303 -7.46 44.35 3.18
N ALA B 304 -6.46 44.80 3.95
CA ALA B 304 -5.85 46.11 3.70
C ALA B 304 -5.17 46.16 2.34
N TYR B 305 -4.46 45.09 1.97
CA TYR B 305 -3.80 45.03 0.66
C TYR B 305 -4.83 45.08 -0.46
N PHE B 306 -5.77 44.12 -0.46
CA PHE B 306 -6.76 44.00 -1.52
C PHE B 306 -7.96 44.92 -1.35
N SER B 307 -7.80 46.01 -0.59
CA SER B 307 -8.74 47.11 -0.58
C SER B 307 -8.27 48.27 -1.48
N THR B 308 -7.21 48.05 -2.24
CA THR B 308 -6.71 48.99 -3.23
C THR B 308 -6.99 48.44 -4.62
N TRP B 309 -7.40 49.32 -5.53
CA TRP B 309 -7.86 48.88 -6.84
C TRP B 309 -6.79 48.07 -7.56
N ASN B 310 -5.60 48.65 -7.74
CA ASN B 310 -4.53 47.98 -8.45
C ASN B 310 -4.07 46.70 -7.76
N HIS B 311 -4.42 46.52 -6.49
CA HIS B 311 -4.17 45.25 -5.79
C HIS B 311 -5.39 44.34 -5.79
N PHE B 312 -6.59 44.91 -5.59
CA PHE B 312 -7.81 44.11 -5.59
C PHE B 312 -8.02 43.46 -6.96
N ARG B 313 -7.88 44.22 -8.04
CA ARG B 313 -8.14 43.69 -9.37
C ARG B 313 -7.18 42.57 -9.74
N ASN B 314 -5.96 42.60 -9.18
CA ASN B 314 -5.00 41.55 -9.47
C ASN B 314 -5.48 40.22 -8.88
N LEU B 315 -6.04 40.27 -7.67
CA LEU B 315 -6.67 39.07 -7.11
C LEU B 315 -7.95 38.74 -7.87
N LEU B 316 -8.67 39.76 -8.32
CA LEU B 316 -9.93 39.55 -9.03
C LEU B 316 -9.68 38.81 -10.35
N GLY B 317 -8.77 39.31 -11.17
CA GLY B 317 -8.47 38.65 -12.44
C GLY B 317 -7.82 37.29 -12.27
N SER B 318 -7.01 37.13 -11.21
CA SER B 318 -6.38 35.84 -10.96
C SER B 318 -7.41 34.77 -10.62
N MET B 319 -8.41 35.13 -9.81
CA MET B 319 -9.45 34.17 -9.45
C MET B 319 -10.34 33.84 -10.64
N LEU B 320 -10.73 34.85 -11.42
CA LEU B 320 -11.65 34.61 -12.53
C LEU B 320 -11.00 33.72 -13.59
N GLY B 321 -9.79 34.09 -14.04
CA GLY B 321 -9.13 33.32 -15.08
C GLY B 321 -8.96 31.86 -14.71
N TRP B 322 -8.55 31.60 -13.47
CA TRP B 322 -8.38 30.23 -13.01
C TRP B 322 -9.73 29.53 -12.89
N PHE B 323 -10.74 30.23 -12.39
CA PHE B 323 -12.08 29.66 -12.30
C PHE B 323 -12.65 29.32 -13.68
N LEU B 324 -12.48 30.24 -14.64
CA LEU B 324 -13.17 30.10 -15.92
C LEU B 324 -12.58 28.99 -16.77
N VAL B 325 -11.25 28.88 -16.82
CA VAL B 325 -10.62 27.88 -17.67
C VAL B 325 -10.95 26.47 -17.20
N ASP B 326 -11.03 26.27 -15.88
CA ASP B 326 -11.23 24.94 -15.34
C ASP B 326 -12.61 24.38 -15.62
N ILE B 327 -13.59 25.24 -15.89
CA ILE B 327 -14.95 24.77 -16.21
C ILE B 327 -14.92 23.88 -17.45
N ALA B 328 -14.50 24.44 -18.59
CA ALA B 328 -14.43 23.65 -19.81
C ALA B 328 -13.33 22.60 -19.72
N PHE B 329 -12.21 22.93 -19.07
CA PHE B 329 -11.06 22.04 -19.04
C PHE B 329 -11.41 20.71 -18.36
N TYR B 330 -11.97 20.76 -17.15
CA TYR B 330 -12.27 19.55 -16.41
C TYR B 330 -13.58 18.92 -16.86
N GLY B 331 -14.55 19.72 -17.30
CA GLY B 331 -15.75 19.17 -17.89
C GLY B 331 -15.46 18.29 -19.09
N ILE B 332 -14.45 18.67 -19.88
CA ILE B 332 -14.10 17.91 -21.09
C ILE B 332 -13.17 16.76 -20.75
N ASN B 333 -12.07 17.04 -20.05
CA ASN B 333 -11.05 16.03 -19.85
C ASN B 333 -11.55 14.87 -18.98
N LEU B 334 -12.41 15.16 -18.02
CA LEU B 334 -13.05 14.10 -17.25
C LEU B 334 -14.16 13.40 -18.04
N ASN B 335 -14.58 13.97 -19.17
CA ASN B 335 -15.59 13.36 -20.03
C ASN B 335 -15.11 13.24 -21.48
N GLN B 336 -13.79 13.22 -21.69
CA GLN B 336 -13.24 13.13 -23.04
C GLN B 336 -13.73 11.89 -23.77
N SER B 337 -13.93 10.79 -23.03
CA SER B 337 -14.48 9.58 -23.62
C SER B 337 -15.95 9.73 -23.97
N VAL B 338 -16.65 10.66 -23.32
CA VAL B 338 -18.05 10.91 -23.66
C VAL B 338 -18.14 11.70 -24.96
N VAL B 339 -17.28 12.71 -25.11
CA VAL B 339 -17.25 13.49 -26.35
C VAL B 339 -16.85 12.61 -27.52
N LEU B 340 -15.76 11.86 -27.35
CA LEU B 340 -15.27 10.96 -28.39
C LEU B 340 -16.26 9.84 -28.68
N ALA B 341 -17.33 9.72 -27.89
CA ALA B 341 -18.39 8.76 -28.16
C ALA B 341 -19.44 9.33 -29.09
N GLN B 342 -19.68 10.64 -29.04
CA GLN B 342 -20.55 11.27 -30.03
C GLN B 342 -19.88 11.28 -31.40
N ILE B 343 -18.56 11.53 -31.44
CA ILE B 343 -17.77 11.37 -32.65
C ILE B 343 -17.69 9.88 -32.95
N GLY B 344 -17.17 9.52 -34.12
CA GLY B 344 -17.25 8.14 -34.61
C GLY B 344 -16.42 7.11 -33.87
N PHE B 345 -15.78 7.47 -32.77
CA PHE B 345 -14.93 6.49 -32.06
C PHE B 345 -15.74 5.48 -31.27
N ALA B 346 -17.04 5.72 -31.07
CA ALA B 346 -17.92 4.74 -30.49
C ALA B 346 -18.91 4.21 -31.50
N GLY B 347 -18.85 4.71 -32.74
CA GLY B 347 -19.77 4.34 -33.80
C GLY B 347 -19.29 3.26 -34.75
N LYS B 348 -19.00 2.09 -34.20
CA LYS B 348 -18.61 0.90 -34.98
C LYS B 348 -19.44 -0.29 -34.52
N THR B 349 -19.50 -1.31 -35.36
CA THR B 349 -20.19 -2.55 -35.03
C THR B 349 -19.36 -3.49 -34.15
N GLY B 350 -18.05 -3.25 -34.05
CA GLY B 350 -17.13 -4.01 -33.23
C GLY B 350 -17.59 -4.56 -31.89
N ASP B 351 -16.85 -5.51 -31.33
CA ASP B 351 -17.25 -6.18 -30.10
C ASP B 351 -16.67 -5.41 -28.91
N VAL B 352 -16.62 -6.03 -27.73
CA VAL B 352 -16.21 -5.33 -26.52
C VAL B 352 -14.81 -4.76 -26.68
N TYR B 353 -13.88 -5.57 -27.20
CA TYR B 353 -12.51 -5.09 -27.39
C TYR B 353 -12.45 -4.00 -28.46
N ASP B 354 -13.09 -4.26 -29.61
CA ASP B 354 -13.06 -3.28 -30.70
C ASP B 354 -13.59 -1.93 -30.25
N LYS B 355 -14.69 -1.92 -29.49
CA LYS B 355 -15.25 -0.68 -28.99
C LYS B 355 -14.27 0.01 -28.05
N LEU B 356 -13.79 -0.74 -27.04
CA LEU B 356 -12.86 -0.17 -26.06
C LEU B 356 -11.59 0.33 -26.72
N PHE B 357 -11.10 -0.40 -27.72
CA PHE B 357 -9.82 -0.02 -28.34
C PHE B 357 -9.99 1.20 -29.22
N GLN B 358 -11.09 1.28 -29.97
CA GLN B 358 -11.34 2.45 -30.80
C GLN B 358 -11.50 3.69 -29.94
N LEU B 359 -12.22 3.57 -28.82
CA LEU B 359 -12.35 4.70 -27.91
C LEU B 359 -11.03 5.05 -27.27
N ALA B 360 -10.27 4.04 -26.84
CA ALA B 360 -8.94 4.29 -26.28
C ALA B 360 -7.98 4.80 -27.35
N THR B 361 -8.22 4.44 -28.62
CA THR B 361 -7.39 4.96 -29.70
C THR B 361 -7.56 6.47 -29.84
N GLY B 362 -8.81 6.93 -29.83
CA GLY B 362 -9.05 8.36 -29.91
C GLY B 362 -8.53 9.11 -28.70
N ASN B 363 -8.65 8.51 -27.52
CA ASN B 363 -8.23 9.17 -26.29
C ASN B 363 -6.73 9.48 -26.33
N ILE B 364 -5.93 8.51 -26.74
CA ILE B 364 -4.48 8.74 -26.81
C ILE B 364 -4.15 9.69 -27.95
N ILE B 365 -4.87 9.61 -29.07
CA ILE B 365 -4.60 10.51 -30.19
C ILE B 365 -4.76 11.96 -29.75
N VAL B 366 -5.88 12.25 -29.07
CA VAL B 366 -6.17 13.63 -28.67
C VAL B 366 -5.15 14.10 -27.64
N THR B 367 -4.89 13.28 -26.62
CA THR B 367 -4.00 13.70 -25.54
C THR B 367 -2.55 13.72 -25.96
N ALA B 368 -2.15 12.84 -26.90
CA ALA B 368 -0.75 12.85 -27.35
C ALA B 368 -0.51 13.97 -28.36
N LEU B 369 -1.42 14.15 -29.31
CA LEU B 369 -1.21 15.14 -30.35
C LEU B 369 -1.56 16.56 -29.91
N GLY B 370 -2.44 16.71 -28.93
CA GLY B 370 -2.88 18.03 -28.54
C GLY B 370 -2.67 18.35 -27.07
N PHE B 371 -3.29 17.56 -26.18
CA PHE B 371 -3.31 17.88 -24.76
C PHE B 371 -1.89 18.01 -24.21
N LEU B 372 -1.02 17.04 -24.52
CA LEU B 372 0.32 17.06 -23.92
C LEU B 372 1.21 18.15 -24.51
N PRO B 373 1.38 18.27 -25.83
CA PRO B 373 2.36 19.25 -26.34
C PRO B 373 2.05 20.69 -25.99
N GLY B 374 0.80 21.01 -25.62
CA GLY B 374 0.46 22.37 -25.26
C GLY B 374 1.26 22.91 -24.10
N TYR B 375 1.60 22.04 -23.13
CA TYR B 375 2.38 22.48 -21.99
C TYR B 375 3.77 22.98 -22.41
N TYR B 376 4.35 22.37 -23.45
CA TYR B 376 5.72 22.68 -23.82
C TYR B 376 5.83 23.89 -24.72
N PHE B 377 4.83 24.16 -25.55
CA PHE B 377 4.77 25.45 -26.23
C PHE B 377 4.71 26.59 -25.23
N THR B 378 3.88 26.42 -24.20
CA THR B 378 3.85 27.38 -23.10
C THR B 378 5.20 27.45 -22.40
N LEU B 379 5.86 26.29 -22.25
CA LEU B 379 7.14 26.24 -21.54
C LEU B 379 8.19 27.11 -22.20
N PHE B 380 8.27 27.06 -23.53
CA PHE B 380 9.33 27.75 -24.26
C PHE B 380 9.03 29.22 -24.53
N LEU B 381 7.83 29.71 -24.19
CA LEU B 381 7.41 31.02 -24.63
C LEU B 381 6.89 31.95 -23.55
N ILE B 382 6.60 31.46 -22.33
CA ILE B 382 6.08 32.32 -21.29
C ILE B 382 7.08 33.41 -20.92
N ASP B 383 8.36 33.04 -20.78
CA ASP B 383 9.39 34.03 -20.51
C ASP B 383 9.84 34.75 -21.76
N ILE B 384 9.08 34.62 -22.84
CA ILE B 384 9.31 35.36 -24.08
C ILE B 384 8.06 36.13 -24.51
N VAL B 385 6.89 35.51 -24.44
CA VAL B 385 5.66 36.15 -24.89
C VAL B 385 4.92 36.85 -23.75
N GLY B 386 5.03 36.32 -22.53
CA GLY B 386 4.28 36.87 -21.42
C GLY B 386 3.06 36.02 -21.07
N ARG B 387 2.61 36.16 -19.83
CA ARG B 387 1.50 35.34 -19.36
C ARG B 387 0.20 35.76 -20.02
N LYS B 388 -0.05 37.06 -20.13
CA LYS B 388 -1.34 37.56 -20.58
C LYS B 388 -1.61 37.21 -22.05
N LYS B 389 -0.67 37.56 -22.94
CA LYS B 389 -0.91 37.30 -24.37
C LYS B 389 -1.15 35.83 -24.64
N LEU B 390 -0.50 34.94 -23.90
CA LEU B 390 -0.77 33.52 -24.04
C LEU B 390 -2.13 33.17 -23.47
N GLN B 391 -2.51 33.82 -22.36
CA GLN B 391 -3.83 33.62 -21.79
C GLN B 391 -4.92 34.14 -22.71
N PHE B 392 -4.73 35.34 -23.27
CA PHE B 392 -5.65 35.87 -24.28
C PHE B 392 -5.84 34.87 -25.42
N MET B 393 -4.74 34.46 -26.03
CA MET B 393 -4.80 33.49 -27.12
C MET B 393 -5.45 32.19 -26.67
N GLY B 394 -5.05 31.68 -25.50
CA GLY B 394 -5.61 30.43 -25.03
C GLY B 394 -7.12 30.47 -24.89
N PHE B 395 -7.63 31.53 -24.26
CA PHE B 395 -9.08 31.69 -24.12
C PHE B 395 -9.74 31.87 -25.48
N ILE B 396 -9.15 32.70 -26.35
CA ILE B 396 -9.81 33.07 -27.59
C ILE B 396 -9.74 31.95 -28.62
N MET B 397 -8.66 31.16 -28.62
CA MET B 397 -8.54 30.08 -29.60
C MET B 397 -9.40 28.88 -29.19
N SER B 398 -9.25 28.43 -27.94
CA SER B 398 -10.06 27.32 -27.45
C SER B 398 -11.54 27.62 -27.56
N GLY B 399 -11.93 28.89 -27.42
CA GLY B 399 -13.32 29.26 -27.65
C GLY B 399 -13.73 29.05 -29.10
N LEU B 400 -12.88 29.50 -30.02
CA LEU B 400 -13.18 29.36 -31.45
C LEU B 400 -13.48 27.90 -31.81
N PHE B 401 -12.62 26.98 -31.35
CA PHE B 401 -12.83 25.57 -31.67
C PHE B 401 -14.04 25.00 -30.97
N LEU B 402 -14.44 25.58 -29.83
CA LEU B 402 -15.65 25.14 -29.15
C LEU B 402 -16.89 25.53 -29.96
N ALA B 403 -16.87 26.72 -30.56
CA ALA B 403 -18.00 27.15 -31.38
C ALA B 403 -18.13 26.30 -32.63
N ILE B 404 -17.00 25.93 -33.23
CA ILE B 404 -17.03 25.08 -34.41
C ILE B 404 -17.62 23.71 -34.07
N LEU B 405 -17.23 23.16 -32.92
CA LEU B 405 -17.80 21.90 -32.46
C LEU B 405 -19.31 22.01 -32.30
N ALA B 406 -19.77 22.98 -31.50
CA ALA B 406 -21.19 23.07 -31.16
C ALA B 406 -22.06 23.24 -32.40
N GLY B 407 -21.57 23.99 -33.39
CA GLY B 407 -22.37 24.23 -34.58
C GLY B 407 -22.45 23.05 -35.54
N GLU B 408 -21.37 22.27 -35.64
CA GLU B 408 -21.25 21.27 -36.68
C GLU B 408 -21.23 19.82 -36.17
N ILE B 409 -21.29 19.62 -34.85
CA ILE B 409 -21.12 18.27 -34.31
C ILE B 409 -22.21 17.33 -34.83
N ASP B 410 -23.43 17.83 -34.99
CA ASP B 410 -24.55 17.01 -35.42
C ASP B 410 -24.72 16.97 -36.93
N HIS B 411 -23.80 17.59 -37.67
CA HIS B 411 -23.95 17.76 -39.11
C HIS B 411 -22.76 17.32 -39.94
N ILE B 412 -21.55 17.27 -39.37
CA ILE B 412 -20.34 16.97 -40.14
C ILE B 412 -19.75 15.66 -39.61
N GLY B 413 -18.73 15.18 -40.32
CA GLY B 413 -18.17 13.86 -40.06
C GLY B 413 -17.21 13.85 -38.89
N LYS B 414 -16.69 12.64 -38.61
CA LYS B 414 -15.80 12.43 -37.47
C LYS B 414 -14.51 13.23 -37.62
N GLY B 415 -13.85 13.13 -38.76
CA GLY B 415 -12.56 13.74 -38.99
C GLY B 415 -12.47 15.21 -38.61
N PRO B 416 -13.32 16.05 -39.22
CA PRO B 416 -13.28 17.49 -38.88
C PRO B 416 -13.48 17.77 -37.40
N LEU B 417 -14.37 17.03 -36.75
CA LEU B 417 -14.62 17.24 -35.33
C LEU B 417 -13.40 16.84 -34.50
N LEU B 418 -12.76 15.74 -34.87
CA LEU B 418 -11.59 15.26 -34.14
C LEU B 418 -10.48 16.30 -34.13
N ALA B 419 -10.23 16.93 -35.28
CA ALA B 419 -9.12 17.87 -35.40
C ALA B 419 -9.32 19.08 -34.48
N CYS B 420 -10.51 19.69 -34.54
CA CYS B 420 -10.79 20.83 -33.68
C CYS B 420 -10.74 20.45 -32.21
N PHE B 421 -11.21 19.24 -31.89
CA PHE B 421 -11.16 18.76 -30.51
C PHE B 421 -9.72 18.68 -30.01
N THR B 422 -8.80 18.23 -30.88
CA THR B 422 -7.39 18.19 -30.51
C THR B 422 -6.81 19.60 -30.43
N PHE B 423 -7.19 20.47 -31.35
CA PHE B 423 -6.74 21.86 -31.31
C PHE B 423 -7.19 22.54 -30.03
N MET B 424 -8.43 22.29 -29.61
CA MET B 424 -8.93 22.83 -28.35
C MET B 424 -8.05 22.40 -27.18
N GLN B 425 -7.85 21.09 -27.05
CA GLN B 425 -7.01 20.56 -25.97
C GLN B 425 -5.63 21.21 -25.97
N PHE B 426 -5.07 21.43 -27.17
CA PHE B 426 -3.77 22.08 -27.28
C PHE B 426 -3.81 23.50 -26.72
N PHE B 427 -4.83 24.27 -27.09
CA PHE B 427 -4.88 25.66 -26.67
C PHE B 427 -5.40 25.84 -25.24
N PHE B 428 -5.92 24.77 -24.64
CA PHE B 428 -6.12 24.78 -23.20
C PHE B 428 -4.79 24.86 -22.48
N ASN B 429 -3.89 23.93 -22.80
CA ASN B 429 -2.59 23.86 -22.14
C ASN B 429 -1.60 24.86 -22.73
N PHE B 430 -1.74 25.17 -24.01
CA PHE B 430 -1.04 26.32 -24.60
C PHE B 430 -1.95 27.54 -24.49
N GLY B 431 -2.08 28.03 -23.27
CA GLY B 431 -2.94 29.17 -23.02
C GLY B 431 -3.38 29.33 -21.58
N ALA B 432 -4.69 29.38 -21.37
CA ALA B 432 -5.23 29.81 -20.09
C ALA B 432 -4.91 28.83 -18.97
N ASN B 433 -5.05 27.52 -19.22
CA ASN B 433 -4.89 26.54 -18.16
C ASN B 433 -3.51 26.63 -17.51
N THR B 434 -2.47 26.80 -18.32
CA THR B 434 -1.12 26.87 -17.78
C THR B 434 -0.79 28.27 -17.25
N THR B 435 -1.25 29.32 -17.93
CA THR B 435 -0.88 30.68 -17.54
C THR B 435 -1.60 31.11 -16.27
N THR B 436 -2.87 30.74 -16.11
CA THR B 436 -3.60 31.10 -14.89
C THR B 436 -2.91 30.54 -13.66
N PHE B 437 -2.40 29.32 -13.75
CA PHE B 437 -1.67 28.72 -12.64
C PHE B 437 -0.39 29.50 -12.35
N ILE B 438 0.33 29.91 -13.40
CA ILE B 438 1.60 30.61 -13.21
C ILE B 438 1.36 32.04 -12.73
N VAL B 439 0.43 32.75 -13.38
CA VAL B 439 0.22 34.16 -13.06
C VAL B 439 -0.27 34.33 -11.63
N ALA B 440 -1.07 33.37 -11.12
CA ALA B 440 -1.59 33.49 -9.76
C ALA B 440 -0.48 33.47 -8.72
N ALA B 441 0.61 32.74 -9.00
CA ALA B 441 1.72 32.67 -8.05
C ALA B 441 2.66 33.85 -8.17
N GLU B 442 2.65 34.56 -9.29
CA GLU B 442 3.60 35.63 -9.56
C GLU B 442 3.02 37.03 -9.33
N LEU B 443 1.71 37.15 -9.21
CA LEU B 443 1.08 38.47 -9.08
C LEU B 443 1.25 39.06 -7.70
N PHE B 444 1.32 38.23 -6.67
CA PHE B 444 1.06 38.72 -5.34
C PHE B 444 2.31 38.74 -4.49
N PRO B 445 2.50 39.79 -3.70
CA PRO B 445 3.63 39.81 -2.76
C PRO B 445 3.53 38.66 -1.77
N THR B 446 4.70 38.15 -1.36
CA THR B 446 4.74 36.97 -0.51
C THR B 446 3.99 37.19 0.79
N ARG B 447 3.96 38.43 1.27
CA ARG B 447 3.29 38.79 2.52
C ARG B 447 1.81 38.48 2.51
N ILE B 448 1.21 38.27 1.32
CA ILE B 448 -0.21 37.94 1.21
C ILE B 448 -0.38 36.84 0.17
N ARG B 449 0.73 36.43 -0.44
CA ARG B 449 0.65 35.51 -1.57
C ARG B 449 0.00 34.20 -1.17
N ALA B 450 0.28 33.72 0.04
CA ALA B 450 -0.28 32.44 0.49
C ALA B 450 -1.81 32.50 0.52
N SER B 451 -2.37 33.60 1.00
CA SER B 451 -3.82 33.73 1.02
C SER B 451 -4.36 33.91 -0.40
N ALA B 452 -3.81 34.87 -1.14
CA ALA B 452 -4.33 35.18 -2.47
C ALA B 452 -4.20 34.00 -3.42
N HIS B 453 -3.08 33.27 -3.36
CA HIS B 453 -2.92 32.09 -4.20
C HIS B 453 -3.82 30.95 -3.74
N GLY B 454 -3.99 30.79 -2.43
CA GLY B 454 -4.85 29.73 -1.93
C GLY B 454 -6.30 29.88 -2.36
N ILE B 455 -6.83 31.10 -2.28
CA ILE B 455 -8.20 31.33 -2.70
C ILE B 455 -8.32 31.25 -4.22
N SER B 456 -7.29 31.71 -4.93
CA SER B 456 -7.31 31.64 -6.39
C SER B 456 -7.35 30.19 -6.87
N ALA B 457 -6.49 29.34 -6.29
CA ALA B 457 -6.52 27.93 -6.62
C ALA B 457 -7.85 27.29 -6.20
N ALA B 458 -8.38 27.70 -5.06
CA ALA B 458 -9.70 27.24 -4.65
C ALA B 458 -10.77 27.66 -5.64
N ALA B 459 -10.67 28.90 -6.15
CA ALA B 459 -11.61 29.35 -7.17
C ALA B 459 -11.59 28.44 -8.39
N GLY B 460 -10.41 28.00 -8.80
CA GLY B 460 -10.31 27.08 -9.93
C GLY B 460 -11.06 25.78 -9.67
N GLN B 461 -10.81 25.16 -8.50
CA GLN B 461 -11.49 23.91 -8.16
C GLN B 461 -13.00 24.08 -8.14
N CYS B 462 -13.48 25.30 -7.90
CA CYS B 462 -14.92 25.55 -7.92
C CYS B 462 -15.50 25.37 -9.31
N GLY B 463 -14.82 25.90 -10.33
CA GLY B 463 -15.27 25.68 -11.70
C GLY B 463 -15.18 24.21 -12.10
N ALA B 464 -14.14 23.52 -11.63
CA ALA B 464 -13.96 22.12 -11.97
C ALA B 464 -15.15 21.28 -11.50
N ILE B 465 -15.59 21.48 -10.26
CA ILE B 465 -16.66 20.64 -9.72
C ILE B 465 -17.99 20.98 -10.36
N LEU B 466 -18.22 22.25 -10.73
CA LEU B 466 -19.48 22.64 -11.34
C LEU B 466 -19.74 21.90 -12.64
N SER B 467 -18.82 22.04 -13.61
CA SER B 467 -18.98 21.36 -14.88
C SER B 467 -19.02 19.85 -14.70
N SER B 468 -18.15 19.33 -13.82
CA SER B 468 -18.10 17.89 -13.58
C SER B 468 -19.42 17.38 -13.06
N LEU B 469 -20.09 18.15 -12.20
CA LEU B 469 -21.30 17.73 -11.51
C LEU B 469 -22.55 17.72 -12.39
N VAL B 470 -22.51 18.33 -13.57
CA VAL B 470 -23.74 18.56 -14.31
C VAL B 470 -23.55 18.25 -15.79
N PHE B 471 -22.31 17.92 -16.17
CA PHE B 471 -21.99 17.75 -17.59
C PHE B 471 -22.89 16.70 -18.25
N ASN B 472 -22.92 15.50 -17.68
CA ASN B 472 -23.70 14.42 -18.28
C ASN B 472 -25.20 14.59 -18.08
N GLN B 473 -25.62 15.36 -17.08
CA GLN B 473 -27.05 15.62 -16.90
C GLN B 473 -27.57 16.57 -17.97
N LEU B 474 -26.83 17.65 -18.23
CA LEU B 474 -27.23 18.58 -19.29
C LEU B 474 -27.21 17.92 -20.66
N LYS B 475 -26.24 17.03 -20.88
CA LYS B 475 -26.10 16.36 -22.18
C LYS B 475 -27.40 15.66 -22.59
N ALA B 476 -28.16 15.17 -21.62
CA ALA B 476 -29.44 14.53 -21.91
C ALA B 476 -30.60 15.52 -21.87
N LYS B 477 -30.48 16.60 -21.09
CA LYS B 477 -31.59 17.52 -20.93
C LYS B 477 -31.65 18.56 -22.04
N ILE B 478 -30.51 19.05 -22.51
CA ILE B 478 -30.49 20.15 -23.48
C ILE B 478 -29.68 19.77 -24.72
N GLY B 479 -28.96 18.67 -24.63
CA GLY B 479 -28.15 18.21 -25.74
C GLY B 479 -26.69 18.66 -25.62
N THR B 480 -25.82 17.96 -26.33
CA THR B 480 -24.39 18.24 -26.24
C THR B 480 -24.04 19.55 -26.94
N SER B 481 -24.67 19.83 -28.08
CA SER B 481 -24.39 21.07 -28.82
C SER B 481 -24.66 22.29 -27.94
N ALA B 482 -25.76 22.26 -27.18
CA ALA B 482 -26.07 23.38 -26.31
C ALA B 482 -25.02 23.54 -25.21
N VAL B 483 -24.51 22.42 -24.70
CA VAL B 483 -23.51 22.48 -23.62
C VAL B 483 -22.20 23.08 -24.13
N LEU B 484 -21.79 22.70 -25.35
CA LEU B 484 -20.55 23.23 -25.90
C LEU B 484 -20.61 24.73 -26.12
N TRP B 485 -21.80 25.25 -26.47
CA TRP B 485 -21.96 26.69 -26.56
C TRP B 485 -21.73 27.36 -25.22
N ILE B 486 -22.01 26.66 -24.13
CA ILE B 486 -21.76 27.19 -22.80
C ILE B 486 -20.26 27.29 -22.54
N PHE B 487 -19.54 26.19 -22.79
CA PHE B 487 -18.08 26.22 -22.66
C PHE B 487 -17.46 27.29 -23.54
N PHE B 488 -18.03 27.51 -24.72
CA PHE B 488 -17.57 28.59 -25.58
C PHE B 488 -17.66 29.94 -24.88
N SER B 489 -18.80 30.21 -24.24
CA SER B 489 -19.00 31.49 -23.57
C SER B 489 -17.99 31.68 -22.44
N THR B 490 -17.65 30.61 -21.74
CA THR B 490 -16.71 30.71 -20.63
C THR B 490 -15.33 31.13 -21.10
N CYS B 491 -14.96 30.79 -22.33
CA CYS B 491 -13.66 31.17 -22.85
C CYS B 491 -13.62 32.66 -23.15
N ILE B 492 -14.72 33.21 -23.68
CA ILE B 492 -14.77 34.64 -23.98
C ILE B 492 -14.65 35.46 -22.71
N LEU B 493 -15.32 35.03 -21.63
CA LEU B 493 -15.23 35.74 -20.36
C LEU B 493 -13.83 35.69 -19.80
N GLY B 494 -13.14 34.55 -19.94
CA GLY B 494 -11.74 34.49 -19.54
C GLY B 494 -10.87 35.47 -20.31
N PHE B 495 -11.10 35.57 -21.63
CA PHE B 495 -10.41 36.57 -22.43
C PHE B 495 -10.67 37.98 -21.89
N ILE B 496 -11.93 38.27 -21.58
CA ILE B 496 -12.29 39.60 -21.06
C ILE B 496 -11.63 39.84 -19.71
N SER B 497 -11.68 38.85 -18.82
CA SER B 497 -11.20 39.03 -17.45
C SER B 497 -9.69 39.24 -17.39
N THR B 498 -8.95 38.73 -18.38
CA THR B 498 -7.49 38.80 -18.34
C THR B 498 -7.00 40.25 -18.33
N PHE B 499 -7.83 41.20 -18.76
CA PHE B 499 -7.44 42.61 -18.78
C PHE B 499 -7.18 43.15 -17.38
N LEU B 500 -7.75 42.53 -16.34
CA LEU B 500 -7.56 42.98 -14.97
C LEU B 500 -6.18 42.66 -14.42
N ILE B 501 -5.39 41.88 -15.13
CA ILE B 501 -4.17 41.28 -14.60
C ILE B 501 -2.97 42.13 -14.98
N ASP B 502 -2.03 42.27 -14.04
CA ASP B 502 -0.72 42.84 -14.36
C ASP B 502 0.17 41.76 -14.94
N GLU B 503 0.92 42.12 -15.97
CA GLU B 503 1.86 41.18 -16.58
C GLU B 503 2.98 40.87 -15.60
N THR B 504 3.16 39.59 -15.30
CA THR B 504 4.10 39.15 -14.28
C THR B 504 5.42 38.65 -14.83
N MET B 505 5.59 38.60 -16.16
CA MET B 505 6.84 38.14 -16.73
C MET B 505 7.98 39.04 -16.28
N GLY B 506 8.94 38.46 -15.57
CA GLY B 506 10.07 39.24 -15.11
C GLY B 506 9.77 40.20 -13.99
N VAL B 507 8.55 40.18 -13.45
CA VAL B 507 8.15 41.09 -12.39
C VAL B 507 8.21 40.34 -11.07
N ASP B 508 8.80 40.98 -10.05
CA ASP B 508 8.79 40.43 -8.70
C ASP B 508 7.68 41.14 -7.94
N PRO B 509 6.62 40.45 -7.54
CA PRO B 509 5.53 41.14 -6.83
C PRO B 509 5.95 41.69 -5.49
N ASP B 510 6.98 41.12 -4.86
CA ASP B 510 7.50 41.69 -3.62
C ASP B 510 8.29 42.96 -3.89
N GLU B 511 9.14 42.95 -4.92
CA GLU B 511 9.84 44.18 -5.31
C GLU B 511 8.85 45.22 -5.80
N LYS B 512 7.81 44.79 -6.51
CA LYS B 512 6.76 45.71 -6.94
C LYS B 512 5.98 46.25 -5.73
N ASP B 513 5.65 45.39 -4.78
CA ASP B 513 4.89 45.83 -3.61
C ASP B 513 5.70 46.78 -2.73
N LEU B 514 6.99 46.50 -2.54
CA LEU B 514 7.82 47.40 -1.72
C LEU B 514 7.98 48.74 -2.42
N GLU B 515 8.15 48.72 -3.75
CA GLU B 515 8.25 49.97 -4.48
C GLU B 515 6.91 50.70 -4.47
N GLU B 516 5.80 49.95 -4.57
CA GLU B 516 4.47 50.52 -4.40
C GLU B 516 4.34 51.22 -3.05
N ARG B 517 4.87 50.61 -2.00
CA ARG B 517 4.68 51.15 -0.65
C ARG B 517 5.64 52.29 -0.35
N ARG B 518 6.89 52.18 -0.79
CA ARG B 518 7.87 53.23 -0.51
C ARG B 518 7.55 54.51 -1.26
N ALA B 519 6.88 54.42 -2.40
CA ALA B 519 6.46 55.60 -3.14
C ALA B 519 5.29 56.31 -2.48
N ARG B 520 4.59 55.63 -1.57
CA ARG B 520 3.47 56.24 -0.86
C ARG B 520 3.71 56.23 0.65
P PO4 C . 3.25 -20.60 14.75
O1 PO4 C . 2.46 -21.70 15.43
O2 PO4 C . 3.13 -20.76 13.25
O3 PO4 C . 2.69 -19.26 15.15
O4 PO4 C . 4.70 -20.68 15.15
C1 BNG D . -11.00 -33.28 31.80
C2 BNG D . -10.01 -34.09 30.97
C3 BNG D . -10.65 -34.76 29.81
C4 BNG D . -11.82 -35.61 30.22
C5 BNG D . -12.85 -34.78 31.02
C6 BNG D . -13.90 -35.72 31.52
C1' BNG D . -9.87 -31.58 32.97
C2' BNG D . -9.75 -31.11 34.43
C3' BNG D . -8.80 -29.89 34.53
C4' BNG D . -8.65 -29.53 36.01
C5' BNG D . -8.13 -28.07 36.18
C6' BNG D . -8.77 -27.49 37.44
C7' BNG D . -7.86 -26.43 38.09
C8' BNG D . -8.48 -26.00 39.44
C9' BNG D . -7.64 -24.90 40.07
O1 BNG D . -10.38 -32.90 32.96
O2 BNG D . -8.98 -33.22 30.46
O3 BNG D . -9.67 -35.63 29.16
O4 BNG D . -12.47 -36.13 29.06
O5 BNG D . -12.23 -34.08 32.16
O6 BNG D . -14.89 -35.00 32.22
C1 BNG E . 12.66 7.69 9.66
C2 BNG E . 13.39 9.00 9.44
C3 BNG E . 13.99 9.48 10.71
C4 BNG E . 13.01 9.54 11.86
C5 BNG E . 12.04 8.36 11.94
C6 BNG E . 10.85 8.78 12.75
C1' BNG E . 11.09 6.30 8.70
C2' BNG E . 10.90 5.45 7.43
C3' BNG E . 9.52 4.80 7.38
C4' BNG E . 9.42 3.92 6.11
C5' BNG E . 8.00 3.30 6.01
C6' BNG E . 7.99 2.18 4.96
C7' BNG E . 6.55 1.67 4.79
C8' BNG E . 6.57 0.28 4.10
C9' BNG E . 5.21 -0.03 3.50
O1 BNG E . 12.14 7.20 8.49
O2 BNG E . 14.43 8.81 8.47
O3 BNG E . 14.53 10.82 10.49
O4 BNG E . 13.78 9.58 13.08
O5 BNG E . 11.55 7.88 10.64
O6 BNG E . 9.67 8.40 12.07
P PO4 F . -5.47 22.90 -12.27
O1 PO4 F . -6.17 22.17 -13.39
O2 PO4 F . -4.13 22.28 -12.00
O3 PO4 F . -6.32 22.82 -11.02
O4 PO4 F . -5.28 24.35 -12.65
C1 BNG G . 11.26 30.60 -29.27
C2 BNG G . 12.75 30.30 -29.02
C3 BNG G . 13.55 31.51 -28.68
C4 BNG G . 13.34 32.64 -29.63
C5 BNG G . 11.86 32.99 -29.73
C6 BNG G . 11.70 34.07 -30.76
C1' BNG G . 10.56 28.35 -29.26
C2' BNG G . 9.40 27.46 -29.76
C3' BNG G . 9.76 26.03 -29.31
C4' BNG G . 8.75 24.99 -29.83
C5' BNG G . 8.93 23.71 -28.98
C6' BNG G . 7.61 22.96 -28.81
C7' BNG G . 7.90 21.46 -28.67
C8' BNG G . 6.58 20.67 -28.67
C9' BNG G . 6.87 19.19 -28.47
O1 BNG G . 10.63 29.58 -29.94
O2 BNG G . 12.92 29.42 -27.89
O3 BNG G . 14.97 31.14 -28.67
O4 BNG G . 14.08 33.77 -29.17
O5 BNG G . 11.05 31.83 -30.12
O6 BNG G . 10.43 33.95 -31.34
C1 BNG H . -1.65 19.18 -33.77
C2 BNG H . -1.71 20.20 -32.65
C3 BNG H . -0.45 20.98 -32.62
C4 BNG H . 0.69 20.07 -32.28
C5 BNG H . 0.79 18.91 -33.29
C6 BNG H . 1.77 17.91 -32.76
C1' BNG H . -2.91 17.56 -34.89
C2' BNG H . -4.39 17.20 -35.14
C3' BNG H . -4.48 15.87 -35.91
C4' BNG H . -5.97 15.56 -36.21
C5' BNG H . -6.09 14.19 -36.95
C6' BNG H . -7.49 14.08 -37.57
C7' BNG H . -7.70 12.69 -38.19
C8' BNG H . -8.89 12.73 -39.17
C9' BNG H . -9.40 11.32 -39.43
O1 BNG H . -2.84 18.50 -33.83
O2 BNG H . -2.82 21.10 -32.86
O3 BNG H . -0.55 22.04 -31.62
O4 BNG H . 1.91 20.82 -32.27
O5 BNG H . -0.50 18.24 -33.54
O6 BNG H . 2.94 18.57 -32.34
#